data_3GEB
#
_entry.id   3GEB
#
_cell.length_a   183.612
_cell.length_b   183.612
_cell.length_c   120.150
_cell.angle_alpha   90.00
_cell.angle_beta   90.00
_cell.angle_gamma   90.00
#
_symmetry.space_group_name_H-M   'I 4'
#
loop_
_entity.id
_entity.type
_entity.pdbx_description
1 polymer 'Eyes absent homolog 2'
2 non-polymer 'MAGNESIUM ION'
3 water water
#
_entity_poly.entity_id   1
_entity_poly.type   'polypeptide(L)'
_entity_poly.pdbx_seq_one_letter_code
;SHMERVFVWDLDETIIIFHSLLTGTFASRYGKDTTTSVRIGLMMEEMIFNLADTHLFFNDLEDCDQIHVDDVSSDDNGQD
LSTYNFSADGFHSSAPGANLCLGSGVHGGVDWMRKLAFRYRRVKEMYNTYKNNVGGLIGTPKRETWLQLRAELEALTDLW
LTHSLKALNLINSRPNCVNVLVTTTQLIPALAKVLLYGLGSVFPIENIYSATKTGKESCFERIMQRFGRKAVYVVIGDGV
EEEQGAKKHNMPFWRISCHADLEALRHALELEYL
;
_entity_poly.pdbx_strand_id   A,B,C,D
#
loop_
_chem_comp.id
_chem_comp.type
_chem_comp.name
_chem_comp.formula
MG non-polymer 'MAGNESIUM ION' 'Mg 2'
#
# COMPACT_ATOMS: atom_id res chain seq x y z
N SER A 1 17.32 0.77 -26.92
CA SER A 1 16.97 -0.61 -26.47
C SER A 1 16.95 -0.70 -24.94
N HIS A 2 17.56 0.31 -24.30
CA HIS A 2 17.63 0.38 -22.84
C HIS A 2 16.34 0.86 -22.19
N MET A 3 15.99 0.27 -21.05
CA MET A 3 14.80 0.71 -20.33
C MET A 3 15.20 2.04 -19.69
N GLU A 4 14.22 2.91 -19.44
CA GLU A 4 14.53 4.21 -18.87
C GLU A 4 13.54 4.71 -17.85
N ARG A 5 14.08 5.09 -16.69
CA ARG A 5 13.27 5.58 -15.58
C ARG A 5 13.42 7.08 -15.34
N VAL A 6 12.30 7.72 -15.01
CA VAL A 6 12.24 9.13 -14.69
C VAL A 6 11.72 9.15 -13.27
N PHE A 7 12.49 9.74 -12.37
CA PHE A 7 12.10 9.83 -10.96
C PHE A 7 11.55 11.23 -10.69
N VAL A 8 10.26 11.28 -10.40
CA VAL A 8 9.60 12.55 -10.16
C VAL A 8 9.43 12.77 -8.67
N TRP A 9 10.32 13.60 -8.11
CA TRP A 9 10.35 13.88 -6.68
C TRP A 9 9.52 15.04 -6.18
N ASP A 10 9.21 14.95 -4.88
CA ASP A 10 8.52 16.00 -4.15
C ASP A 10 9.75 16.60 -3.46
N LEU A 11 9.67 17.83 -2.98
CA LEU A 11 10.82 18.42 -2.32
C LEU A 11 10.71 18.42 -0.81
N ASP A 12 9.75 19.18 -0.31
CA ASP A 12 9.52 19.30 1.12
C ASP A 12 9.09 18.01 1.79
N GLU A 13 9.83 17.67 2.85
CA GLU A 13 9.62 16.49 3.66
C GLU A 13 9.86 15.19 2.89
N THR A 14 10.49 15.31 1.74
CA THR A 14 10.85 14.15 0.94
C THR A 14 12.37 14.21 0.76
N ILE A 15 12.83 15.22 0.04
CA ILE A 15 14.26 15.37 -0.17
C ILE A 15 14.85 16.18 0.96
N ILE A 16 14.09 17.19 1.41
CA ILE A 16 14.53 18.07 2.48
C ILE A 16 13.52 18.22 3.62
N ILE A 17 14.02 18.61 4.78
CA ILE A 17 13.21 18.87 5.94
C ILE A 17 13.25 20.40 6.10
N PHE A 18 12.09 21.04 5.99
CA PHE A 18 12.03 22.50 6.09
C PHE A 18 10.74 22.99 6.77
N HIS A 19 9.60 22.72 6.14
CA HIS A 19 8.32 23.13 6.71
C HIS A 19 8.06 22.48 8.06
N SER A 20 8.41 21.20 8.20
CA SER A 20 8.19 20.47 9.46
C SER A 20 9.12 20.92 10.58
N LEU A 21 9.92 21.95 10.32
CA LEU A 21 10.81 22.53 11.31
C LEU A 21 10.02 23.64 11.99
N LEU A 22 9.12 24.25 11.22
CA LEU A 22 8.28 25.35 11.67
C LEU A 22 7.02 24.91 12.43
N THR A 23 6.52 23.70 12.13
CA THR A 23 5.31 23.21 12.80
C THR A 23 5.60 22.32 13.99
N GLY A 24 6.86 21.89 14.12
CA GLY A 24 7.27 21.05 15.23
C GLY A 24 6.97 19.56 15.12
N THR A 25 6.54 19.11 13.94
CA THR A 25 6.24 17.69 13.76
C THR A 25 7.50 16.82 13.68
N PHE A 26 8.56 17.35 13.07
CA PHE A 26 9.80 16.57 12.97
C PHE A 26 10.42 16.48 14.35
N ALA A 27 10.57 17.61 15.03
CA ALA A 27 11.13 17.63 16.37
C ALA A 27 10.32 16.71 17.28
N SER A 28 9.00 16.75 17.13
CA SER A 28 8.14 15.93 17.93
C SER A 28 8.28 14.45 17.57
N ARG A 29 8.27 14.14 16.28
CA ARG A 29 8.38 12.75 15.86
C ARG A 29 9.73 12.11 16.19
N TYR A 30 10.80 12.88 16.14
CA TYR A 30 12.12 12.31 16.42
C TYR A 30 12.76 12.73 17.73
N GLY A 31 12.00 13.41 18.58
CA GLY A 31 12.50 13.81 19.88
C GLY A 31 13.55 14.90 19.89
N LYS A 32 13.29 15.98 19.15
CA LYS A 32 14.21 17.11 19.09
C LYS A 32 13.60 18.30 19.84
N ASP A 33 14.44 19.28 20.14
CA ASP A 33 14.00 20.47 20.84
C ASP A 33 13.18 21.25 19.83
N THR A 34 11.97 21.67 20.22
CA THR A 34 11.09 22.40 19.32
C THR A 34 11.50 23.86 19.18
N THR A 35 12.08 24.42 20.23
CA THR A 35 12.51 25.80 20.19
C THR A 35 13.60 25.97 19.15
N THR A 36 14.53 25.02 19.12
CA THR A 36 15.65 25.00 18.20
C THR A 36 15.18 24.72 16.78
N SER A 37 14.19 23.83 16.68
CA SER A 37 13.61 23.46 15.40
C SER A 37 13.05 24.70 14.70
N VAL A 38 12.29 25.51 15.44
CA VAL A 38 11.69 26.72 14.87
C VAL A 38 12.72 27.79 14.58
N ARG A 39 13.71 27.94 15.43
CA ARG A 39 14.72 28.95 15.20
C ARG A 39 15.41 28.66 13.88
N ILE A 40 15.82 27.41 13.70
CA ILE A 40 16.47 26.99 12.46
C ILE A 40 15.52 27.13 11.27
N GLY A 41 14.28 26.67 11.43
CA GLY A 41 13.31 26.78 10.35
C GLY A 41 13.18 28.19 9.82
N LEU A 42 13.02 29.15 10.72
CA LEU A 42 12.88 30.55 10.36
C LEU A 42 14.15 31.17 9.74
N MET A 43 15.31 30.76 10.23
CA MET A 43 16.56 31.29 9.71
C MET A 43 16.73 30.85 8.26
N MET A 44 16.34 29.60 7.95
CA MET A 44 16.45 29.09 6.59
C MET A 44 15.47 29.86 5.74
N GLU A 45 14.25 30.00 6.24
CA GLU A 45 13.22 30.73 5.53
C GLU A 45 13.75 32.10 5.09
N GLU A 46 14.28 32.87 6.03
CA GLU A 46 14.83 34.19 5.75
C GLU A 46 15.91 34.11 4.70
N MET A 47 16.73 33.06 4.73
CA MET A 47 17.80 32.92 3.75
C MET A 47 17.28 32.61 2.36
N ILE A 48 16.25 31.78 2.29
CA ILE A 48 15.64 31.41 1.03
C ILE A 48 15.04 32.61 0.29
N PHE A 49 14.30 33.43 1.01
CA PHE A 49 13.65 34.61 0.44
C PHE A 49 14.59 35.76 0.21
N ASN A 50 15.61 35.86 1.05
CA ASN A 50 16.58 36.92 0.90
C ASN A 50 17.33 36.66 -0.40
N LEU A 51 17.75 35.41 -0.60
CA LEU A 51 18.46 35.05 -1.81
C LEU A 51 17.51 35.27 -3.01
N ALA A 52 16.25 34.89 -2.84
CA ALA A 52 15.26 35.03 -3.89
C ALA A 52 15.01 36.48 -4.30
N ASP A 53 14.94 37.39 -3.32
CA ASP A 53 14.72 38.79 -3.63
C ASP A 53 15.97 39.46 -4.13
N THR A 54 17.06 39.21 -3.43
CA THR A 54 18.34 39.81 -3.77
C THR A 54 18.94 39.37 -5.11
N HIS A 55 18.85 38.09 -5.43
CA HIS A 55 19.45 37.62 -6.68
C HIS A 55 18.53 36.99 -7.70
N LEU A 56 17.28 36.69 -7.34
CA LEU A 56 16.43 36.02 -8.32
C LEU A 56 15.20 36.81 -8.76
N PHE A 57 15.28 38.14 -8.68
CA PHE A 57 14.19 39.03 -9.10
C PHE A 57 12.83 38.61 -8.56
N PHE A 58 12.79 38.12 -7.32
CA PHE A 58 11.52 37.67 -6.77
C PHE A 58 10.51 38.78 -6.52
N ASN A 59 10.98 39.95 -6.10
CA ASN A 59 10.06 41.05 -5.87
C ASN A 59 9.34 41.33 -7.19
N ASP A 60 10.05 41.12 -8.28
CA ASP A 60 9.50 41.33 -9.62
C ASP A 60 8.63 40.15 -10.06
N LEU A 61 9.25 38.98 -10.14
CA LEU A 61 8.62 37.75 -10.59
C LEU A 61 7.51 37.16 -9.72
N GLU A 62 7.54 37.41 -8.41
CA GLU A 62 6.53 36.84 -7.51
C GLU A 62 5.14 36.68 -8.10
N ASP A 63 4.60 37.76 -8.65
CA ASP A 63 3.27 37.71 -9.24
C ASP A 63 3.25 37.14 -10.64
N CYS A 64 3.82 35.93 -10.77
CA CYS A 64 3.88 35.24 -12.06
C CYS A 64 4.12 33.74 -11.83
N ASP A 65 3.02 33.00 -11.73
CA ASP A 65 3.03 31.56 -11.47
C ASP A 65 3.46 30.68 -12.64
N GLN A 66 4.68 30.92 -13.08
CA GLN A 66 5.25 30.17 -14.18
C GLN A 66 5.65 28.78 -13.69
N ILE A 67 5.24 27.76 -14.44
CA ILE A 67 5.54 26.38 -14.11
C ILE A 67 7.01 26.04 -14.31
N HIS A 68 7.47 26.21 -15.54
CA HIS A 68 8.84 25.91 -15.91
C HIS A 68 9.64 27.19 -16.13
N VAL A 69 10.96 27.07 -16.01
CA VAL A 69 11.89 28.20 -16.17
C VAL A 69 11.95 28.79 -17.58
N ASP A 70 11.74 27.95 -18.59
CA ASP A 70 11.81 28.33 -19.99
C ASP A 70 10.45 28.57 -20.66
N ASP A 71 9.40 28.76 -19.87
CA ASP A 71 8.07 28.95 -20.43
C ASP A 71 7.84 30.21 -21.25
N VAL A 72 8.67 31.23 -21.06
CA VAL A 72 8.52 32.46 -21.84
C VAL A 72 9.77 32.73 -22.68
N SER A 73 10.50 31.67 -23.00
CA SER A 73 11.72 31.81 -23.78
C SER A 73 11.44 32.20 -25.22
N SER A 74 10.16 32.38 -25.55
CA SER A 74 9.75 32.79 -26.91
C SER A 74 10.19 34.21 -27.17
N ASP A 75 10.10 35.02 -26.12
CA ASP A 75 10.43 36.43 -26.18
C ASP A 75 11.86 36.75 -25.76
N ASP A 76 12.77 35.79 -25.93
CA ASP A 76 14.15 36.01 -25.56
C ASP A 76 15.04 36.11 -26.80
N ASN A 77 15.74 37.25 -26.94
CA ASN A 77 16.61 37.46 -28.10
C ASN A 77 18.00 36.84 -27.91
N GLY A 78 18.21 36.19 -26.78
CA GLY A 78 19.48 35.55 -26.52
C GLY A 78 20.68 36.46 -26.38
N GLN A 79 20.43 37.74 -26.21
CA GLN A 79 21.53 38.69 -26.05
C GLN A 79 22.27 38.38 -24.76
N ASP A 80 23.36 39.09 -24.52
CA ASP A 80 24.14 38.91 -23.30
C ASP A 80 23.54 39.76 -22.16
N LEU A 81 23.31 39.14 -21.01
CA LEU A 81 22.74 39.86 -19.88
C LEU A 81 23.77 40.25 -18.81
N SER A 82 25.05 40.02 -19.12
CA SER A 82 26.18 40.35 -18.23
C SER A 82 26.14 41.78 -17.75
N THR A 83 26.05 42.70 -18.70
CA THR A 83 26.02 44.14 -18.41
C THR A 83 24.63 44.75 -18.46
N TYR A 84 23.61 43.93 -18.69
CA TYR A 84 22.23 44.41 -18.75
C TYR A 84 21.76 44.92 -17.38
N ASN A 85 21.04 46.04 -17.37
CA ASN A 85 20.55 46.65 -16.13
C ASN A 85 19.07 46.43 -15.87
N PHE A 86 18.77 45.46 -15.01
CA PHE A 86 17.38 45.14 -14.68
C PHE A 86 16.71 46.16 -13.78
N SER A 87 17.46 46.75 -12.86
CA SER A 87 16.84 47.71 -11.95
C SER A 87 16.08 48.76 -12.74
N ALA A 88 16.79 49.56 -13.53
CA ALA A 88 16.16 50.59 -14.32
C ALA A 88 15.93 50.11 -15.75
N ASP A 89 14.73 49.61 -16.03
CA ASP A 89 14.40 49.13 -17.38
C ASP A 89 12.90 48.93 -17.58
N GLY A 90 12.13 49.19 -16.52
CA GLY A 90 10.69 49.00 -16.62
C GLY A 90 10.34 47.76 -15.79
N PHE A 91 9.20 47.79 -15.13
CA PHE A 91 8.82 46.66 -14.28
C PHE A 91 7.33 46.61 -13.97
N GLY A 108 1.44 46.98 -19.81
CA GLY A 108 2.29 46.44 -20.92
C GLY A 108 2.25 44.92 -20.95
N GLY A 109 2.64 44.35 -22.09
CA GLY A 109 2.63 42.90 -22.20
C GLY A 109 3.09 42.32 -23.53
N VAL A 110 4.17 42.86 -24.08
CA VAL A 110 4.73 42.37 -25.35
C VAL A 110 6.24 42.60 -25.35
N ASP A 111 6.61 43.84 -25.07
CA ASP A 111 8.01 44.25 -24.98
C ASP A 111 8.33 44.04 -23.51
N TRP A 112 7.27 43.90 -22.74
CA TRP A 112 7.34 43.67 -21.32
C TRP A 112 7.67 42.17 -21.20
N MET A 113 7.09 41.38 -22.09
CA MET A 113 7.31 39.94 -22.13
C MET A 113 8.77 39.58 -22.36
N ARG A 114 9.47 40.44 -23.09
CA ARG A 114 10.88 40.23 -23.40
C ARG A 114 11.72 40.48 -22.15
N LYS A 115 11.25 41.37 -21.29
CA LYS A 115 11.97 41.69 -20.05
C LYS A 115 11.78 40.59 -19.02
N LEU A 116 10.67 39.88 -19.12
CA LEU A 116 10.35 38.77 -18.22
C LEU A 116 11.36 37.67 -18.52
N ALA A 117 11.31 37.21 -19.77
CA ALA A 117 12.20 36.18 -20.26
C ALA A 117 13.65 36.48 -19.89
N PHE A 118 14.01 37.76 -19.93
CA PHE A 118 15.36 38.15 -19.60
C PHE A 118 15.68 37.79 -18.16
N ARG A 119 14.71 38.03 -17.28
CA ARG A 119 14.88 37.73 -15.87
C ARG A 119 14.94 36.24 -15.59
N TYR A 120 14.11 35.46 -16.26
CA TYR A 120 14.12 34.02 -16.05
C TYR A 120 15.34 33.37 -16.64
N ARG A 121 15.83 33.87 -17.75
CA ARG A 121 17.04 33.28 -18.32
C ARG A 121 18.19 33.66 -17.41
N ARG A 122 18.11 34.86 -16.83
CA ARG A 122 19.15 35.34 -15.93
C ARG A 122 19.14 34.52 -14.65
N VAL A 123 17.96 34.03 -14.27
CA VAL A 123 17.84 33.20 -13.08
C VAL A 123 18.57 31.89 -13.39
N LYS A 124 18.28 31.36 -14.58
CA LYS A 124 18.88 30.11 -15.03
C LYS A 124 20.41 30.19 -15.01
N GLU A 125 20.94 31.32 -15.43
CA GLU A 125 22.39 31.53 -15.47
C GLU A 125 23.01 31.57 -14.06
N MET A 126 22.29 32.16 -13.12
CA MET A 126 22.74 32.26 -11.72
C MET A 126 22.83 30.87 -11.10
N TYR A 127 21.81 30.09 -11.40
CA TYR A 127 21.68 28.72 -10.93
C TYR A 127 22.85 27.89 -11.44
N ASN A 128 23.02 27.86 -12.75
CA ASN A 128 24.09 27.07 -13.31
C ASN A 128 25.48 27.50 -12.89
N THR A 129 25.71 28.79 -12.77
CA THR A 129 27.06 29.23 -12.39
C THR A 129 27.30 29.09 -10.89
N TYR A 130 26.22 29.05 -10.11
CA TYR A 130 26.37 28.94 -8.67
C TYR A 130 25.84 27.69 -7.99
N LYS A 131 25.26 26.76 -8.73
CA LYS A 131 24.72 25.56 -8.10
C LYS A 131 25.77 24.81 -7.28
N ASN A 132 27.05 24.99 -7.61
CA ASN A 132 28.15 24.35 -6.89
C ASN A 132 29.01 25.37 -6.16
N ASN A 133 28.57 26.62 -6.17
CA ASN A 133 29.28 27.68 -5.47
C ASN A 133 28.24 28.65 -4.99
N VAL A 134 27.35 28.13 -4.15
CA VAL A 134 26.27 28.93 -3.60
C VAL A 134 26.80 29.96 -2.61
N GLY A 135 28.01 29.72 -2.11
CA GLY A 135 28.62 30.65 -1.16
C GLY A 135 29.16 31.86 -1.88
N GLY A 136 29.40 31.72 -3.17
CA GLY A 136 29.90 32.83 -3.98
C GLY A 136 28.75 33.72 -4.46
N LEU A 137 27.56 33.15 -4.51
CA LEU A 137 26.37 33.90 -4.93
C LEU A 137 25.89 34.73 -3.75
N ILE A 138 25.85 34.08 -2.60
CA ILE A 138 25.40 34.67 -1.36
C ILE A 138 26.44 35.64 -0.72
N GLY A 139 27.71 35.39 -1.00
CA GLY A 139 28.76 36.24 -0.46
C GLY A 139 29.03 36.03 1.02
N THR A 140 29.84 36.93 1.59
CA THR A 140 30.18 36.88 3.01
C THR A 140 29.49 38.09 3.65
N PRO A 141 29.04 37.98 4.90
CA PRO A 141 29.08 36.84 5.83
C PRO A 141 27.91 35.87 5.68
N LYS A 142 27.07 36.06 4.69
CA LYS A 142 25.93 35.16 4.48
C LYS A 142 26.40 33.73 4.29
N ARG A 143 27.46 33.55 3.50
CA ARG A 143 27.96 32.22 3.24
C ARG A 143 28.31 31.51 4.53
N GLU A 144 28.95 32.23 5.43
CA GLU A 144 29.36 31.65 6.69
C GLU A 144 28.20 31.29 7.62
N THR A 145 27.20 32.15 7.74
CA THR A 145 26.06 31.84 8.60
C THR A 145 25.22 30.70 7.99
N TRP A 146 25.36 30.51 6.69
CA TRP A 146 24.65 29.48 5.93
C TRP A 146 25.26 28.10 6.20
N LEU A 147 26.58 28.01 6.14
CA LEU A 147 27.26 26.76 6.39
C LEU A 147 27.00 26.29 7.82
N GLN A 148 26.85 27.24 8.73
CA GLN A 148 26.59 26.95 10.14
C GLN A 148 25.16 26.48 10.31
N LEU A 149 24.26 27.09 9.55
CA LEU A 149 22.86 26.71 9.60
C LEU A 149 22.66 25.30 9.07
N ARG A 150 23.24 25.01 7.91
CA ARG A 150 23.11 23.69 7.32
C ARG A 150 23.65 22.63 8.28
N ALA A 151 24.58 23.04 9.13
CA ALA A 151 25.23 22.17 10.11
C ALA A 151 24.31 21.87 11.28
N GLU A 152 23.55 22.85 11.73
CA GLU A 152 22.63 22.60 12.82
C GLU A 152 21.43 21.83 12.28
N LEU A 153 21.06 22.13 11.05
CA LEU A 153 19.94 21.48 10.40
C LEU A 153 20.21 19.98 10.17
N GLU A 154 21.41 19.64 9.71
CA GLU A 154 21.78 18.24 9.49
C GLU A 154 21.79 17.46 10.81
N ALA A 155 22.27 18.10 11.88
CA ALA A 155 22.31 17.50 13.20
C ALA A 155 20.91 17.20 13.72
N LEU A 156 20.04 18.19 13.62
CA LEU A 156 18.65 18.08 14.07
C LEU A 156 17.84 17.04 13.30
N THR A 157 18.06 16.98 11.98
CA THR A 157 17.34 16.06 11.11
C THR A 157 17.96 14.67 11.04
N ASP A 158 18.93 14.43 11.91
CA ASP A 158 19.60 13.15 11.92
C ASP A 158 20.09 12.79 10.53
N LEU A 159 20.63 13.79 9.81
CA LEU A 159 21.18 13.61 8.47
C LEU A 159 20.21 13.16 7.40
N TRP A 160 19.02 13.74 7.38
CA TRP A 160 18.00 13.37 6.40
C TRP A 160 18.47 13.66 4.97
N LEU A 161 18.97 14.87 4.73
CA LEU A 161 19.46 15.27 3.42
C LEU A 161 20.62 14.42 2.95
N THR A 162 21.39 13.90 3.89
CA THR A 162 22.52 13.04 3.53
C THR A 162 21.94 11.79 2.89
N HIS A 163 20.86 11.29 3.47
CA HIS A 163 20.16 10.09 2.99
C HIS A 163 19.50 10.29 1.64
N SER A 164 18.85 11.44 1.44
CA SER A 164 18.18 11.67 0.17
C SER A 164 19.20 11.88 -0.93
N LEU A 165 20.30 12.55 -0.61
CA LEU A 165 21.36 12.82 -1.58
C LEU A 165 21.97 11.54 -2.15
N LYS A 166 22.04 10.48 -1.35
CA LYS A 166 22.60 9.21 -1.82
C LYS A 166 21.78 8.58 -2.95
N ALA A 167 20.47 8.80 -2.93
CA ALA A 167 19.57 8.27 -3.95
C ALA A 167 19.63 9.18 -5.16
N LEU A 168 19.55 10.48 -4.91
CA LEU A 168 19.59 11.51 -5.94
C LEU A 168 20.84 11.44 -6.80
N ASN A 169 21.97 11.18 -6.17
CA ASN A 169 23.22 11.10 -6.89
C ASN A 169 23.42 9.77 -7.58
N LEU A 170 22.70 8.75 -7.13
CA LEU A 170 22.81 7.44 -7.76
C LEU A 170 21.95 7.49 -9.03
N ILE A 171 20.85 8.21 -8.97
CA ILE A 171 19.96 8.36 -10.12
C ILE A 171 20.66 9.25 -11.14
N ASN A 172 21.55 10.10 -10.63
CA ASN A 172 22.25 11.05 -11.45
C ASN A 172 23.39 10.42 -12.23
N SER A 173 24.18 9.63 -11.53
CA SER A 173 25.32 8.97 -12.14
C SER A 173 24.90 7.83 -13.06
N ARG A 174 23.71 7.30 -12.83
CA ARG A 174 23.17 6.22 -13.65
C ARG A 174 22.74 6.80 -14.99
N PRO A 175 23.18 6.17 -16.11
CA PRO A 175 22.89 6.58 -17.48
C PRO A 175 21.44 6.62 -17.98
N ASN A 176 20.62 5.66 -17.58
CA ASN A 176 19.24 5.64 -18.07
C ASN A 176 18.20 6.05 -17.02
N CYS A 177 18.64 6.89 -16.08
CA CYS A 177 17.77 7.39 -15.02
C CYS A 177 17.86 8.90 -14.98
N VAL A 178 16.73 9.54 -14.68
CA VAL A 178 16.61 10.98 -14.63
C VAL A 178 15.90 11.51 -13.37
N ASN A 179 16.41 12.63 -12.85
CA ASN A 179 15.87 13.31 -11.67
C ASN A 179 14.98 14.48 -12.09
N VAL A 180 13.70 14.46 -11.70
CA VAL A 180 12.79 15.54 -12.02
C VAL A 180 12.18 16.00 -10.70
N LEU A 181 11.88 17.29 -10.59
CA LEU A 181 11.34 17.86 -9.37
C LEU A 181 10.02 18.60 -9.59
N VAL A 182 9.00 18.23 -8.84
CA VAL A 182 7.72 18.89 -8.92
C VAL A 182 7.44 19.41 -7.53
N THR A 183 7.30 20.73 -7.40
CA THR A 183 7.07 21.34 -6.09
C THR A 183 5.94 22.36 -6.11
N THR A 184 5.14 22.36 -5.04
CA THR A 184 4.03 23.29 -4.93
C THR A 184 4.49 24.73 -4.67
N THR A 185 5.74 24.87 -4.24
CA THR A 185 6.33 26.16 -3.98
C THR A 185 6.46 26.88 -5.32
N GLN A 186 6.48 28.21 -5.29
CA GLN A 186 6.61 28.98 -6.52
C GLN A 186 7.98 28.69 -7.11
N LEU A 187 8.15 28.98 -8.39
CA LEU A 187 9.41 28.69 -9.07
C LEU A 187 10.64 29.37 -8.49
N ILE A 188 10.62 30.69 -8.35
CA ILE A 188 11.79 31.38 -7.82
C ILE A 188 12.17 30.90 -6.40
N PRO A 189 11.21 30.93 -5.45
CA PRO A 189 11.51 30.47 -4.08
C PRO A 189 12.00 29.01 -4.07
N ALA A 190 11.43 28.21 -4.96
CA ALA A 190 11.78 26.80 -5.07
C ALA A 190 13.24 26.60 -5.51
N LEU A 191 13.75 27.52 -6.34
CA LEU A 191 15.13 27.42 -6.81
C LEU A 191 16.11 27.92 -5.74
N ALA A 192 15.73 28.97 -5.01
CA ALA A 192 16.58 29.48 -3.96
C ALA A 192 16.74 28.37 -2.95
N LYS A 193 15.63 27.67 -2.70
CA LYS A 193 15.57 26.57 -1.76
C LYS A 193 16.45 25.41 -2.21
N VAL A 194 16.31 25.05 -3.48
CA VAL A 194 17.09 23.97 -4.08
C VAL A 194 18.58 24.29 -4.02
N LEU A 195 18.93 25.54 -4.25
CA LEU A 195 20.32 25.96 -4.21
C LEU A 195 20.88 25.94 -2.78
N LEU A 196 20.11 26.53 -1.87
CA LEU A 196 20.52 26.61 -0.46
C LEU A 196 20.60 25.25 0.23
N TYR A 197 19.94 24.24 -0.33
CA TYR A 197 20.00 22.91 0.25
C TYR A 197 20.99 22.04 -0.52
N GLY A 198 21.71 22.69 -1.43
CA GLY A 198 22.71 21.98 -2.21
C GLY A 198 22.18 20.97 -3.20
N LEU A 199 21.03 21.24 -3.80
CA LEU A 199 20.44 20.32 -4.76
C LEU A 199 20.62 20.83 -6.18
N GLY A 200 21.08 22.06 -6.31
CA GLY A 200 21.28 22.66 -7.62
C GLY A 200 22.05 21.81 -8.62
N SER A 201 23.03 21.05 -8.14
CA SER A 201 23.85 20.21 -9.01
C SER A 201 23.22 18.87 -9.34
N VAL A 202 22.29 18.41 -8.52
CA VAL A 202 21.64 17.12 -8.76
C VAL A 202 20.40 17.27 -9.64
N PHE A 203 19.81 18.46 -9.65
CA PHE A 203 18.63 18.74 -10.48
C PHE A 203 18.91 19.70 -11.63
N PRO A 204 18.81 19.23 -12.88
CA PRO A 204 19.07 20.20 -13.94
C PRO A 204 17.88 21.17 -13.84
N ILE A 205 18.14 22.48 -13.98
CA ILE A 205 17.07 23.45 -13.82
C ILE A 205 15.85 23.26 -14.74
N GLU A 206 16.07 22.70 -15.93
CA GLU A 206 14.97 22.47 -16.86
C GLU A 206 14.11 21.33 -16.36
N ASN A 207 14.54 20.71 -15.27
CA ASN A 207 13.82 19.58 -14.69
C ASN A 207 13.00 19.89 -13.43
N ILE A 208 12.86 21.17 -13.12
CA ILE A 208 12.09 21.61 -11.94
C ILE A 208 10.76 22.22 -12.40
N TYR A 209 9.67 21.80 -11.74
CA TYR A 209 8.34 22.29 -12.08
C TYR A 209 7.56 22.78 -10.88
N SER A 210 7.10 24.03 -10.94
CA SER A 210 6.32 24.60 -9.86
C SER A 210 4.84 24.35 -10.06
N ALA A 211 4.28 23.42 -9.31
CA ALA A 211 2.87 23.08 -9.42
C ALA A 211 1.97 24.05 -8.68
N THR A 212 2.48 25.24 -8.38
CA THR A 212 1.70 26.24 -7.64
C THR A 212 0.38 26.56 -8.32
N LYS A 213 0.42 26.70 -9.64
CA LYS A 213 -0.77 27.02 -10.40
C LYS A 213 -1.59 25.80 -10.82
N THR A 214 -1.15 25.18 -11.91
CA THR A 214 -1.79 24.01 -12.52
C THR A 214 -2.06 22.77 -11.65
N GLY A 215 -1.22 22.54 -10.65
CA GLY A 215 -1.41 21.38 -9.80
C GLY A 215 -0.41 20.29 -10.12
N LYS A 216 -0.24 19.34 -9.19
CA LYS A 216 0.71 18.27 -9.39
C LYS A 216 0.44 17.37 -10.59
N GLU A 217 -0.79 16.86 -10.74
CA GLU A 217 -1.09 15.98 -11.87
C GLU A 217 -0.89 16.66 -13.21
N SER A 218 -1.19 17.96 -13.30
CA SER A 218 -1.00 18.68 -14.54
C SER A 218 0.48 18.63 -14.91
N CYS A 219 1.34 18.94 -13.94
CA CYS A 219 2.77 18.90 -14.15
C CYS A 219 3.21 17.47 -14.46
N PHE A 220 2.62 16.49 -13.78
CA PHE A 220 2.94 15.07 -13.97
C PHE A 220 2.69 14.61 -15.39
N GLU A 221 1.58 15.06 -15.95
CA GLU A 221 1.22 14.69 -17.31
C GLU A 221 2.14 15.39 -18.30
N ARG A 222 2.43 16.66 -18.01
CA ARG A 222 3.32 17.44 -18.85
C ARG A 222 4.69 16.81 -18.95
N ILE A 223 5.12 16.19 -17.85
CA ILE A 223 6.42 15.53 -17.77
C ILE A 223 6.42 14.24 -18.56
N MET A 224 5.28 13.57 -18.61
CA MET A 224 5.17 12.33 -19.37
C MET A 224 5.18 12.67 -20.84
N GLN A 225 4.55 13.79 -21.19
CA GLN A 225 4.52 14.23 -22.58
C GLN A 225 5.94 14.49 -23.02
N ARG A 226 6.75 15.02 -22.11
CA ARG A 226 8.15 15.32 -22.43
C ARG A 226 9.00 14.08 -22.56
N PHE A 227 8.86 13.14 -21.63
CA PHE A 227 9.69 11.94 -21.65
C PHE A 227 9.17 10.72 -22.41
N GLY A 228 7.88 10.69 -22.75
CA GLY A 228 7.34 9.58 -23.51
C GLY A 228 6.66 8.45 -22.76
N ARG A 229 5.92 7.62 -23.50
CA ARG A 229 5.20 6.51 -22.89
C ARG A 229 6.09 5.29 -22.61
N LYS A 230 7.22 5.21 -23.30
CA LYS A 230 8.15 4.09 -23.13
C LYS A 230 9.03 4.18 -21.87
N ALA A 231 8.88 5.26 -21.11
CA ALA A 231 9.67 5.42 -19.90
C ALA A 231 8.87 4.97 -18.69
N VAL A 232 9.58 4.49 -17.68
CA VAL A 232 8.97 4.04 -16.44
C VAL A 232 9.08 5.16 -15.41
N TYR A 233 7.94 5.77 -15.07
CA TYR A 233 7.89 6.87 -14.12
C TYR A 233 7.71 6.40 -12.69
N VAL A 234 8.43 7.03 -11.76
CA VAL A 234 8.32 6.69 -10.34
C VAL A 234 8.10 7.98 -9.57
N VAL A 235 6.95 8.07 -8.93
CA VAL A 235 6.60 9.25 -8.13
C VAL A 235 7.04 8.99 -6.69
N ILE A 236 7.91 9.87 -6.20
CA ILE A 236 8.45 9.78 -4.86
C ILE A 236 7.96 10.98 -4.03
N GLY A 237 7.38 10.69 -2.87
CA GLY A 237 6.89 11.77 -2.04
C GLY A 237 6.28 11.34 -0.72
N ASP A 238 5.97 12.31 0.12
CA ASP A 238 5.37 12.04 1.43
C ASP A 238 3.89 12.43 1.54
N GLY A 239 3.44 13.28 0.61
CA GLY A 239 2.07 13.77 0.63
C GLY A 239 1.03 13.07 -0.23
N VAL A 240 -0.22 13.47 -0.02
CA VAL A 240 -1.36 12.90 -0.73
C VAL A 240 -1.48 13.40 -2.15
N GLU A 241 -1.10 14.66 -2.38
CA GLU A 241 -1.23 15.26 -3.71
C GLU A 241 -0.44 14.50 -4.77
N GLU A 242 0.81 14.16 -4.47
CA GLU A 242 1.63 13.43 -5.42
C GLU A 242 1.15 12.00 -5.55
N GLU A 243 0.78 11.39 -4.42
CA GLU A 243 0.30 10.03 -4.46
C GLU A 243 -0.96 9.90 -5.31
N GLN A 244 -1.89 10.83 -5.13
CA GLN A 244 -3.15 10.83 -5.86
C GLN A 244 -2.95 11.09 -7.35
N GLY A 245 -2.04 12.01 -7.68
CA GLY A 245 -1.77 12.33 -9.07
C GLY A 245 -1.02 11.19 -9.73
N ALA A 246 -0.30 10.42 -8.92
CA ALA A 246 0.45 9.29 -9.43
C ALA A 246 -0.53 8.19 -9.80
N LYS A 247 -1.58 8.05 -9.00
CA LYS A 247 -2.60 7.04 -9.23
C LYS A 247 -3.44 7.35 -10.48
N LYS A 248 -3.93 8.58 -10.58
CA LYS A 248 -4.73 8.95 -11.73
C LYS A 248 -4.00 8.75 -13.05
N HIS A 249 -2.67 8.91 -13.04
CA HIS A 249 -1.89 8.73 -14.26
C HIS A 249 -1.26 7.33 -14.31
N ASN A 250 -1.63 6.50 -13.35
CA ASN A 250 -1.14 5.13 -13.23
C ASN A 250 0.36 5.00 -13.27
N MET A 251 1.03 5.72 -12.37
CA MET A 251 2.50 5.70 -12.28
C MET A 251 2.91 5.14 -10.93
N PRO A 252 3.88 4.21 -10.89
CA PRO A 252 4.27 3.70 -9.57
C PRO A 252 4.61 4.81 -8.58
N PHE A 253 4.14 4.67 -7.34
CA PHE A 253 4.39 5.64 -6.29
C PHE A 253 5.25 5.05 -5.17
N TRP A 254 6.29 5.78 -4.77
CA TRP A 254 7.16 5.33 -3.69
C TRP A 254 7.00 6.32 -2.56
N ARG A 255 6.30 5.96 -1.50
CA ARG A 255 6.11 6.89 -0.38
C ARG A 255 7.31 6.97 0.55
N ILE A 256 7.61 8.18 1.00
CA ILE A 256 8.71 8.40 1.92
C ILE A 256 8.18 9.02 3.20
N SER A 257 8.43 8.36 4.33
CA SER A 257 7.97 8.87 5.62
C SER A 257 8.98 8.69 6.74
N CYS A 258 10.17 8.25 6.39
CA CYS A 258 11.22 8.08 7.37
C CYS A 258 12.55 7.87 6.65
N HIS A 259 13.65 7.92 7.40
CA HIS A 259 14.97 7.75 6.81
C HIS A 259 15.10 6.38 6.14
N ALA A 260 14.38 5.40 6.68
CA ALA A 260 14.38 4.03 6.19
C ALA A 260 13.84 3.88 4.77
N ASP A 261 12.87 4.72 4.41
CA ASP A 261 12.29 4.69 3.07
C ASP A 261 13.32 5.15 2.06
N LEU A 262 14.11 6.13 2.45
CA LEU A 262 15.15 6.65 1.58
C LEU A 262 16.21 5.56 1.40
N GLU A 263 16.55 4.86 2.49
CA GLU A 263 17.53 3.78 2.46
C GLU A 263 17.06 2.66 1.51
N ALA A 264 15.77 2.33 1.56
CA ALA A 264 15.20 1.30 0.70
C ALA A 264 15.27 1.70 -0.77
N LEU A 265 14.97 2.96 -1.06
CA LEU A 265 15.01 3.46 -2.43
C LEU A 265 16.44 3.39 -2.96
N ARG A 266 17.40 3.87 -2.17
CA ARG A 266 18.80 3.84 -2.54
C ARG A 266 19.24 2.40 -2.86
N HIS A 267 18.77 1.44 -2.06
CA HIS A 267 19.12 0.03 -2.24
C HIS A 267 18.62 -0.54 -3.58
N ALA A 268 17.40 -0.16 -3.97
CA ALA A 268 16.82 -0.58 -5.24
C ALA A 268 17.61 0.04 -6.37
N LEU A 269 18.03 1.28 -6.16
CA LEU A 269 18.82 2.01 -7.14
C LEU A 269 20.15 1.35 -7.47
N GLU A 270 20.71 0.63 -6.49
CA GLU A 270 22.01 -0.02 -6.68
C GLU A 270 21.98 -1.47 -7.15
N LEU A 271 20.81 -2.09 -7.22
CA LEU A 271 20.72 -3.48 -7.65
C LEU A 271 20.45 -3.61 -9.13
N GLU A 272 19.95 -2.54 -9.73
CA GLU A 272 19.56 -2.55 -11.13
C GLU A 272 20.51 -1.91 -12.13
N TYR A 273 20.65 -2.59 -13.27
CA TYR A 273 21.50 -2.13 -14.36
C TYR A 273 20.62 -2.12 -15.61
N LEU A 274 20.44 -0.94 -16.19
CA LEU A 274 19.60 -0.79 -17.39
C LEU A 274 20.43 -0.62 -18.66
N GLU B 4 -19.48 9.54 -3.47
CA GLU B 4 -19.86 10.91 -3.02
C GLU B 4 -20.36 10.91 -1.58
N ARG B 5 -19.42 10.93 -0.64
CA ARG B 5 -19.74 10.95 0.78
C ARG B 5 -19.17 12.19 1.47
N VAL B 6 -19.92 12.68 2.46
CA VAL B 6 -19.53 13.86 3.23
C VAL B 6 -19.14 13.52 4.67
N PHE B 7 -17.92 13.90 5.05
CA PHE B 7 -17.45 13.64 6.41
C PHE B 7 -17.70 14.86 7.27
N VAL B 8 -18.52 14.67 8.30
CA VAL B 8 -18.89 15.74 9.21
C VAL B 8 -18.04 15.61 10.49
N TRP B 9 -17.16 16.58 10.69
CA TRP B 9 -16.27 16.56 11.83
C TRP B 9 -16.67 17.39 13.03
N ASP B 10 -16.07 17.05 14.15
CA ASP B 10 -16.23 17.74 15.41
C ASP B 10 -14.86 18.40 15.52
N LEU B 11 -14.75 19.50 16.25
CA LEU B 11 -13.46 20.15 16.36
C LEU B 11 -12.61 19.66 17.52
N ASP B 12 -13.00 20.06 18.73
CA ASP B 12 -12.28 19.71 19.94
C ASP B 12 -12.26 18.22 20.33
N GLU B 13 -11.06 17.71 20.60
CA GLU B 13 -10.88 16.32 20.99
C GLU B 13 -10.99 15.37 19.82
N THR B 14 -11.08 15.91 18.62
CA THR B 14 -11.19 15.09 17.40
C THR B 14 -10.10 15.51 16.41
N ILE B 15 -10.13 16.78 15.98
CA ILE B 15 -9.15 17.30 15.04
C ILE B 15 -8.15 18.17 15.81
N ILE B 16 -8.63 18.68 16.95
CA ILE B 16 -7.86 19.58 17.79
C ILE B 16 -7.84 19.16 19.26
N ILE B 17 -6.77 19.57 19.94
CA ILE B 17 -6.64 19.34 21.37
C ILE B 17 -6.50 20.76 21.91
N PHE B 18 -7.57 21.29 22.51
CA PHE B 18 -7.53 22.64 23.07
C PHE B 18 -8.14 22.77 24.47
N HIS B 19 -9.45 22.56 24.57
CA HIS B 19 -10.15 22.63 25.86
C HIS B 19 -9.54 21.70 26.90
N SER B 20 -9.22 20.47 26.48
CA SER B 20 -8.65 19.46 27.38
C SER B 20 -7.29 19.86 27.97
N LEU B 21 -6.69 20.89 27.41
CA LEU B 21 -5.40 21.37 27.90
C LEU B 21 -5.64 22.30 29.06
N LEU B 22 -6.81 22.94 29.08
CA LEU B 22 -7.18 23.87 30.13
C LEU B 22 -7.75 23.14 31.33
N THR B 23 -8.54 22.09 31.06
CA THR B 23 -9.19 21.28 32.09
C THR B 23 -8.27 20.28 32.78
N GLY B 24 -7.18 19.94 32.10
CA GLY B 24 -6.21 19.00 32.64
C GLY B 24 -6.45 17.57 32.21
N THR B 25 -7.62 17.29 31.65
CA THR B 25 -7.93 15.94 31.23
C THR B 25 -6.96 15.36 30.20
N PHE B 26 -6.41 16.19 29.31
CA PHE B 26 -5.46 15.66 28.33
C PHE B 26 -4.18 15.20 28.99
N ALA B 27 -3.61 16.09 29.80
CA ALA B 27 -2.36 15.81 30.49
C ALA B 27 -2.43 14.56 31.36
N SER B 28 -3.55 14.34 32.03
CA SER B 28 -3.68 13.16 32.89
C SER B 28 -3.95 11.88 32.09
N ARG B 29 -4.73 12.00 31.01
CA ARG B 29 -5.05 10.85 30.18
C ARG B 29 -3.89 10.29 29.41
N TYR B 30 -3.03 11.16 28.91
CA TYR B 30 -1.88 10.71 28.14
C TYR B 30 -0.59 10.86 28.92
N GLY B 31 -0.72 11.04 30.23
CA GLY B 31 0.44 11.16 31.10
C GLY B 31 1.41 12.28 30.76
N LYS B 32 0.87 13.47 30.47
CA LYS B 32 1.66 14.64 30.14
C LYS B 32 1.84 15.52 31.37
N ASP B 33 2.67 16.57 31.27
CA ASP B 33 2.86 17.47 32.42
C ASP B 33 1.70 18.44 32.47
N THR B 34 0.89 18.32 33.52
CA THR B 34 -0.30 19.15 33.71
C THR B 34 -0.06 20.65 33.58
N THR B 35 1.02 21.14 34.18
CA THR B 35 1.34 22.56 34.15
C THR B 35 1.71 23.06 32.75
N THR B 36 2.44 22.24 32.01
CA THR B 36 2.85 22.59 30.65
C THR B 36 1.62 22.70 29.73
N SER B 37 0.68 21.78 29.90
CA SER B 37 -0.54 21.75 29.10
C SER B 37 -1.41 22.98 29.32
N VAL B 38 -1.66 23.30 30.59
CA VAL B 38 -2.48 24.47 30.92
C VAL B 38 -1.80 25.72 30.39
N ARG B 39 -0.49 25.81 30.58
CA ARG B 39 0.27 26.96 30.12
C ARG B 39 0.13 27.16 28.61
N ILE B 40 0.28 26.06 27.86
CA ILE B 40 0.16 26.08 26.40
C ILE B 40 -1.26 26.44 26.02
N GLY B 41 -2.23 25.75 26.64
CA GLY B 41 -3.65 26.01 26.39
C GLY B 41 -4.03 27.45 26.66
N LEU B 42 -3.45 28.05 27.71
CA LEU B 42 -3.73 29.45 28.05
C LEU B 42 -3.11 30.40 27.03
N MET B 43 -1.88 30.12 26.61
CA MET B 43 -1.20 30.94 25.62
C MET B 43 -1.97 30.88 24.29
N MET B 44 -2.45 29.68 23.94
CA MET B 44 -3.22 29.50 22.70
C MET B 44 -4.59 30.15 22.80
N GLU B 45 -5.23 30.01 23.96
CA GLU B 45 -6.56 30.61 24.18
C GLU B 45 -6.50 32.10 23.93
N GLU B 46 -5.42 32.71 24.39
CA GLU B 46 -5.25 34.15 24.22
C GLU B 46 -5.09 34.56 22.76
N MET B 47 -4.28 33.81 22.00
CA MET B 47 -4.06 34.11 20.60
C MET B 47 -5.37 34.00 19.83
N ILE B 48 -6.17 33.01 20.17
CA ILE B 48 -7.46 32.81 19.51
C ILE B 48 -8.40 34.00 19.65
N PHE B 49 -8.55 34.51 20.88
CA PHE B 49 -9.42 35.67 21.16
C PHE B 49 -8.71 36.99 20.90
N ASN B 50 -7.39 36.95 20.85
CA ASN B 50 -6.57 38.12 20.59
C ASN B 50 -6.71 38.42 19.09
N LEU B 51 -6.81 37.37 18.30
CA LEU B 51 -6.96 37.47 16.85
C LEU B 51 -8.42 37.69 16.47
N ALA B 52 -9.34 37.17 17.28
CA ALA B 52 -10.77 37.34 17.02
C ALA B 52 -11.21 38.78 17.35
N ASP B 53 -10.66 39.33 18.45
CA ASP B 53 -10.99 40.68 18.88
C ASP B 53 -10.34 41.73 17.98
N THR B 54 -9.07 41.53 17.68
CA THR B 54 -8.29 42.46 16.85
C THR B 54 -8.58 42.41 15.36
N HIS B 55 -8.90 41.23 14.83
CA HIS B 55 -9.14 41.12 13.40
C HIS B 55 -10.53 40.65 13.00
N LEU B 56 -11.21 39.92 13.89
CA LEU B 56 -12.53 39.40 13.59
C LEU B 56 -13.69 40.04 14.37
N PHE B 57 -13.72 41.37 14.39
CA PHE B 57 -14.75 42.17 15.07
C PHE B 57 -15.48 41.32 16.11
N PHE B 58 -14.73 40.64 16.96
CA PHE B 58 -15.35 39.78 17.96
C PHE B 58 -16.16 40.51 19.03
N ASN B 59 -15.73 41.70 19.42
CA ASN B 59 -16.49 42.44 20.42
C ASN B 59 -17.87 42.80 19.88
N ASP B 60 -17.92 43.14 18.59
CA ASP B 60 -19.17 43.48 17.92
C ASP B 60 -20.06 42.26 17.73
N LEU B 61 -19.55 41.30 16.96
CA LEU B 61 -20.24 40.05 16.63
C LEU B 61 -20.40 39.08 17.79
N GLU B 62 -19.87 39.45 18.95
CA GLU B 62 -19.95 38.60 20.14
C GLU B 62 -21.37 38.09 20.41
N ASP B 63 -22.36 38.95 20.20
CA ASP B 63 -23.75 38.57 20.44
C ASP B 63 -24.57 38.47 19.17
N CYS B 64 -24.02 37.76 18.18
CA CYS B 64 -24.69 37.55 16.90
C CYS B 64 -24.34 36.16 16.42
N ASP B 65 -24.33 35.21 17.36
CA ASP B 65 -23.98 33.82 17.05
C ASP B 65 -24.66 33.36 15.77
N GLN B 66 -23.85 33.12 14.74
CA GLN B 66 -24.36 32.65 13.46
C GLN B 66 -24.02 31.19 13.28
N ILE B 67 -25.00 30.42 12.80
CA ILE B 67 -24.83 29.00 12.55
C ILE B 67 -23.77 28.84 11.48
N HIS B 68 -23.77 29.77 10.53
CA HIS B 68 -22.83 29.74 9.42
C HIS B 68 -22.32 31.16 9.15
N VAL B 69 -21.40 31.27 8.21
CA VAL B 69 -20.81 32.56 7.85
C VAL B 69 -21.75 33.44 7.03
N ASP B 70 -22.21 32.93 5.91
CA ASP B 70 -23.08 33.68 5.02
C ASP B 70 -24.58 33.62 5.34
N ASP B 71 -24.91 33.58 6.62
CA ASP B 71 -26.31 33.54 7.02
C ASP B 71 -26.95 34.92 7.11
N VAL B 72 -26.32 35.91 6.49
CA VAL B 72 -26.84 37.27 6.49
C VAL B 72 -27.00 37.73 5.04
N SER B 73 -25.87 38.01 4.38
CA SER B 73 -25.79 38.45 2.97
C SER B 73 -26.99 39.15 2.31
N SER B 74 -28.20 38.67 2.57
CA SER B 74 -29.42 39.26 2.02
C SER B 74 -29.55 40.69 2.56
N ASP B 75 -28.87 40.95 3.66
CA ASP B 75 -28.87 42.27 4.29
C ASP B 75 -27.55 42.95 3.93
N ASP B 76 -27.17 42.86 2.66
CA ASP B 76 -25.93 43.47 2.16
C ASP B 76 -26.21 44.14 0.81
N ASN B 77 -25.16 44.69 0.21
CA ASN B 77 -25.28 45.38 -1.06
C ASN B 77 -23.90 45.70 -1.64
N GLY B 78 -23.30 44.73 -2.33
CA GLY B 78 -21.99 44.93 -2.92
C GLY B 78 -21.09 45.76 -2.02
N GLN B 79 -20.43 46.75 -2.60
CA GLN B 79 -19.53 47.65 -1.86
C GLN B 79 -18.21 47.00 -1.50
N ASP B 80 -17.20 47.21 -2.34
CA ASP B 80 -15.87 46.67 -2.10
C ASP B 80 -15.28 47.46 -0.92
N LEU B 81 -15.81 47.16 0.26
CA LEU B 81 -15.44 47.81 1.52
C LEU B 81 -14.01 47.66 2.01
N SER B 82 -13.06 47.78 1.09
CA SER B 82 -11.65 47.68 1.47
C SER B 82 -11.24 49.05 2.00
N THR B 83 -12.11 50.03 1.76
CA THR B 83 -11.89 51.41 2.19
C THR B 83 -12.83 51.83 3.33
N TYR B 84 -13.80 50.97 3.62
CA TYR B 84 -14.79 51.19 4.68
C TYR B 84 -14.07 51.46 6.00
N ASN B 85 -14.74 52.15 6.92
CA ASN B 85 -14.15 52.46 8.24
C ASN B 85 -15.09 52.01 9.36
N PHE B 86 -14.90 50.77 9.80
CA PHE B 86 -15.72 50.15 10.85
C PHE B 86 -15.65 50.85 12.20
N SER B 87 -14.49 51.44 12.50
CA SER B 87 -14.31 52.15 13.76
C SER B 87 -14.98 53.52 13.65
N ALA B 88 -15.81 53.66 12.61
CA ALA B 88 -16.53 54.89 12.34
C ALA B 88 -18.04 54.65 12.38
N ASP B 89 -18.56 53.91 11.40
CA ASP B 89 -19.99 53.60 11.32
C ASP B 89 -20.60 53.18 12.65
N GLY B 90 -21.92 53.29 12.76
CA GLY B 90 -22.62 52.93 13.98
C GLY B 90 -22.44 51.49 14.40
N PHE B 91 -22.48 51.25 15.72
CA PHE B 91 -22.34 49.90 16.25
C PHE B 91 -22.99 49.80 17.62
N HIS B 92 -23.43 48.58 17.95
CA HIS B 92 -24.06 48.28 19.23
C HIS B 92 -24.31 46.78 19.34
N ASP B 111 -29.65 49.22 7.28
CA ASP B 111 -29.56 49.66 8.70
C ASP B 111 -28.52 48.84 9.46
N TRP B 112 -28.93 48.28 10.59
CA TRP B 112 -28.07 47.45 11.43
C TRP B 112 -27.74 46.12 10.77
N MET B 113 -28.63 45.65 9.91
CA MET B 113 -28.43 44.39 9.22
C MET B 113 -27.42 44.47 8.07
N ARG B 114 -27.23 45.66 7.53
CA ARG B 114 -26.31 45.85 6.41
C ARG B 114 -24.89 46.20 6.86
N LYS B 115 -24.77 46.74 8.08
CA LYS B 115 -23.46 47.09 8.64
C LYS B 115 -22.96 45.84 9.35
N LEU B 116 -23.87 44.89 9.55
CA LEU B 116 -23.56 43.63 10.21
C LEU B 116 -23.00 42.65 9.18
N ALA B 117 -23.70 42.51 8.05
CA ALA B 117 -23.27 41.61 6.99
C ALA B 117 -21.94 42.08 6.40
N PHE B 118 -21.60 43.34 6.65
CA PHE B 118 -20.35 43.90 6.16
C PHE B 118 -19.18 43.36 6.96
N ARG B 119 -19.41 43.18 8.26
CA ARG B 119 -18.36 42.65 9.13
C ARG B 119 -18.17 41.17 8.81
N TYR B 120 -19.25 40.49 8.45
CA TYR B 120 -19.19 39.08 8.12
C TYR B 120 -18.60 38.78 6.76
N ARG B 121 -18.81 39.67 5.79
CA ARG B 121 -18.24 39.45 4.47
C ARG B 121 -16.78 39.87 4.48
N ARG B 122 -16.42 40.73 5.42
CA ARG B 122 -15.05 41.20 5.55
C ARG B 122 -14.23 40.09 6.18
N VAL B 123 -14.85 39.37 7.11
CA VAL B 123 -14.19 38.26 7.78
C VAL B 123 -13.87 37.22 6.71
N LYS B 124 -14.92 36.77 6.02
CA LYS B 124 -14.83 35.77 4.96
C LYS B 124 -13.66 36.08 4.00
N GLU B 125 -13.40 37.37 3.78
CA GLU B 125 -12.33 37.82 2.89
C GLU B 125 -10.93 37.60 3.47
N MET B 126 -10.78 37.83 4.77
CA MET B 126 -9.50 37.66 5.43
C MET B 126 -9.17 36.18 5.70
N TYR B 127 -10.22 35.37 5.85
CA TYR B 127 -10.06 33.94 6.10
C TYR B 127 -9.46 33.32 4.85
N ASN B 128 -9.99 33.69 3.69
CA ASN B 128 -9.52 33.16 2.44
C ASN B 128 -8.21 33.74 1.93
N THR B 129 -7.87 34.96 2.33
CA THR B 129 -6.61 35.55 1.88
C THR B 129 -5.50 35.30 2.91
N TYR B 130 -5.87 34.70 4.03
CA TYR B 130 -4.90 34.41 5.09
C TYR B 130 -4.85 32.99 5.64
N LYS B 131 -5.76 32.13 5.19
CA LYS B 131 -5.78 30.75 5.66
C LYS B 131 -4.47 30.00 5.42
N ASN B 132 -3.71 30.41 4.40
CA ASN B 132 -2.44 29.78 4.10
C ASN B 132 -1.32 30.78 4.34
N ASN B 133 -1.67 31.84 5.05
CA ASN B 133 -0.75 32.91 5.37
C ASN B 133 -1.20 33.60 6.67
N VAL B 134 -1.11 32.88 7.78
CA VAL B 134 -1.52 33.43 9.07
C VAL B 134 -0.53 34.48 9.55
N GLY B 135 0.74 34.27 9.24
CA GLY B 135 1.77 35.21 9.66
C GLY B 135 1.57 36.63 9.17
N GLY B 136 0.99 36.78 7.97
CA GLY B 136 0.77 38.10 7.43
C GLY B 136 -0.47 38.78 7.98
N LEU B 137 -1.13 38.10 8.90
CA LEU B 137 -2.34 38.63 9.49
C LEU B 137 -2.12 39.10 10.92
N ILE B 138 -1.24 38.41 11.64
CA ILE B 138 -0.99 38.76 13.04
C ILE B 138 0.35 39.46 13.30
N GLY B 139 1.17 39.59 12.26
CA GLY B 139 2.44 40.28 12.42
C GLY B 139 3.62 39.41 12.77
N THR B 140 4.79 39.76 12.23
CA THR B 140 6.04 39.05 12.45
C THR B 140 6.29 38.65 13.90
N PRO B 141 6.21 39.61 14.83
CA PRO B 141 6.45 39.31 16.25
C PRO B 141 5.54 38.21 16.83
N LYS B 142 4.28 38.22 16.43
CA LYS B 142 3.33 37.22 16.91
C LYS B 142 3.40 35.88 16.19
N ARG B 143 3.73 35.92 14.91
CA ARG B 143 3.85 34.69 14.14
C ARG B 143 4.91 33.79 14.78
N GLU B 144 6.05 34.38 15.09
CA GLU B 144 7.15 33.62 15.67
C GLU B 144 6.79 32.97 16.99
N THR B 145 5.97 33.63 17.80
CA THR B 145 5.58 33.06 19.08
C THR B 145 4.42 32.08 18.87
N TRP B 146 3.73 32.23 17.75
CA TRP B 146 2.62 31.35 17.41
C TRP B 146 3.22 30.03 16.95
N LEU B 147 4.23 30.12 16.09
CA LEU B 147 4.91 28.95 15.57
C LEU B 147 5.62 28.15 16.65
N GLN B 148 6.20 28.84 17.63
CA GLN B 148 6.90 28.15 18.69
C GLN B 148 5.93 27.46 19.65
N LEU B 149 4.73 28.01 19.73
CA LEU B 149 3.68 27.48 20.60
C LEU B 149 3.10 26.25 19.97
N ARG B 150 2.78 26.34 18.68
CA ARG B 150 2.22 25.22 17.93
C ARG B 150 3.17 24.05 17.99
N ALA B 151 4.47 24.33 17.91
CA ALA B 151 5.49 23.29 17.93
C ALA B 151 5.58 22.56 19.27
N GLU B 152 5.30 23.25 20.37
CA GLU B 152 5.34 22.65 21.70
C GLU B 152 4.14 21.74 21.82
N LEU B 153 3.00 22.28 21.39
CA LEU B 153 1.72 21.58 21.40
C LEU B 153 1.84 20.22 20.72
N GLU B 154 2.43 20.20 19.51
CA GLU B 154 2.63 18.96 18.74
C GLU B 154 3.46 17.96 19.52
N ALA B 155 4.42 18.46 20.29
CA ALA B 155 5.26 17.61 21.10
C ALA B 155 4.42 17.10 22.29
N LEU B 156 3.68 18.00 22.92
CA LEU B 156 2.84 17.63 24.06
C LEU B 156 1.75 16.63 23.66
N THR B 157 1.08 16.90 22.54
CA THR B 157 0.01 16.04 22.07
C THR B 157 0.46 14.92 21.14
N ASP B 158 1.76 14.71 21.08
CA ASP B 158 2.32 13.67 20.23
C ASP B 158 1.77 13.60 18.80
N LEU B 159 1.92 14.69 18.05
CA LEU B 159 1.48 14.74 16.66
C LEU B 159 -0.01 14.59 16.40
N TRP B 160 -0.84 14.85 17.39
CA TRP B 160 -2.28 14.70 17.18
C TRP B 160 -2.79 15.39 15.93
N LEU B 161 -2.46 16.67 15.80
CA LEU B 161 -2.91 17.47 14.68
C LEU B 161 -2.33 17.02 13.35
N THR B 162 -1.13 16.47 13.39
CA THR B 162 -0.47 16.00 12.18
C THR B 162 -1.30 14.84 11.65
N HIS B 163 -1.77 14.00 12.55
CA HIS B 163 -2.58 12.86 12.16
C HIS B 163 -3.95 13.26 11.64
N SER B 164 -4.64 14.15 12.36
CA SER B 164 -5.96 14.57 11.93
C SER B 164 -5.82 15.24 10.56
N LEU B 165 -4.82 16.08 10.41
CA LEU B 165 -4.58 16.77 9.15
C LEU B 165 -4.39 15.79 7.98
N LYS B 166 -3.64 14.71 8.23
CA LYS B 166 -3.39 13.69 7.20
C LYS B 166 -4.70 13.10 6.74
N ALA B 167 -5.58 12.82 7.71
CA ALA B 167 -6.89 12.24 7.42
C ALA B 167 -7.68 13.24 6.58
N LEU B 168 -7.73 14.48 7.05
CA LEU B 168 -8.45 15.55 6.37
C LEU B 168 -7.93 15.75 4.94
N ASN B 169 -6.62 15.92 4.80
CA ASN B 169 -6.02 16.11 3.49
C ASN B 169 -6.38 14.95 2.58
N LEU B 170 -6.51 13.78 3.18
CA LEU B 170 -6.82 12.58 2.43
C LEU B 170 -8.22 12.65 1.84
N ILE B 171 -9.16 13.20 2.60
CA ILE B 171 -10.54 13.31 2.14
C ILE B 171 -10.61 14.45 1.13
N ASN B 172 -9.76 15.44 1.34
CA ASN B 172 -9.70 16.60 0.46
C ASN B 172 -9.31 16.17 -0.95
N SER B 173 -8.25 15.36 -1.05
CA SER B 173 -7.75 14.87 -2.34
C SER B 173 -8.74 13.92 -3.02
N ARG B 174 -9.57 13.27 -2.22
CA ARG B 174 -10.58 12.39 -2.78
C ARG B 174 -11.49 13.29 -3.58
N PRO B 175 -11.65 13.00 -4.89
CA PRO B 175 -12.47 13.74 -5.84
C PRO B 175 -13.95 13.93 -5.51
N ASN B 176 -14.59 12.94 -4.91
CA ASN B 176 -16.01 13.06 -4.59
C ASN B 176 -16.34 13.01 -3.10
N CYS B 177 -15.38 13.42 -2.27
CA CYS B 177 -15.58 13.44 -0.83
C CYS B 177 -15.16 14.80 -0.27
N VAL B 178 -15.96 15.35 0.65
CA VAL B 178 -15.68 16.66 1.24
C VAL B 178 -15.64 16.66 2.78
N ASN B 179 -15.03 17.69 3.36
CA ASN B 179 -14.93 17.85 4.81
C ASN B 179 -15.81 18.98 5.30
N VAL B 180 -16.73 18.65 6.21
CA VAL B 180 -17.62 19.65 6.78
C VAL B 180 -17.29 19.73 8.27
N LEU B 181 -17.51 20.89 8.88
CA LEU B 181 -17.21 21.05 10.30
C LEU B 181 -18.37 21.62 11.10
N VAL B 182 -18.73 20.93 12.17
CA VAL B 182 -19.80 21.36 13.07
C VAL B 182 -19.16 21.47 14.45
N THR B 183 -19.15 22.68 15.00
CA THR B 183 -18.53 22.88 16.29
C THR B 183 -19.40 23.59 17.31
N THR B 184 -19.12 23.33 18.58
CA THR B 184 -19.83 23.94 19.70
C THR B 184 -19.34 25.36 19.92
N THR B 185 -18.12 25.63 19.48
CA THR B 185 -17.49 26.96 19.62
C THR B 185 -18.25 28.00 18.80
N GLN B 186 -18.30 29.23 19.30
CA GLN B 186 -18.97 30.31 18.58
C GLN B 186 -18.28 30.54 17.25
N LEU B 187 -19.09 30.84 16.23
CA LEU B 187 -18.59 31.07 14.88
C LEU B 187 -17.30 31.90 14.74
N ILE B 188 -17.23 33.03 15.46
CA ILE B 188 -16.07 33.92 15.38
C ILE B 188 -14.82 33.31 15.99
N PRO B 189 -14.91 32.77 17.21
CA PRO B 189 -13.71 32.17 17.80
C PRO B 189 -13.36 30.88 17.07
N ALA B 190 -14.37 30.22 16.54
CA ALA B 190 -14.17 28.96 15.82
C ALA B 190 -13.27 29.15 14.60
N LEU B 191 -13.42 30.28 13.91
CA LEU B 191 -12.61 30.58 12.73
C LEU B 191 -11.18 30.95 13.09
N ALA B 192 -11.00 31.62 14.22
CA ALA B 192 -9.66 31.99 14.68
C ALA B 192 -8.91 30.70 15.06
N LYS B 193 -9.65 29.72 15.57
CA LYS B 193 -9.08 28.44 15.96
C LYS B 193 -8.66 27.67 14.73
N VAL B 194 -9.54 27.63 13.75
CA VAL B 194 -9.30 26.95 12.49
C VAL B 194 -8.04 27.48 11.83
N LEU B 195 -7.87 28.80 11.85
CA LEU B 195 -6.72 29.44 11.24
C LEU B 195 -5.44 29.22 12.05
N LEU B 196 -5.56 29.27 13.37
CA LEU B 196 -4.42 29.09 14.25
C LEU B 196 -3.99 27.63 14.36
N TYR B 197 -4.88 26.73 13.96
CA TYR B 197 -4.56 25.32 13.98
C TYR B 197 -4.27 24.75 12.59
N GLY B 198 -3.98 25.65 11.65
CA GLY B 198 -3.65 25.24 10.29
C GLY B 198 -4.75 24.58 9.47
N LEU B 199 -5.97 24.63 9.98
CA LEU B 199 -7.11 24.04 9.30
C LEU B 199 -7.73 25.00 8.30
N GLY B 200 -7.10 26.15 8.11
CA GLY B 200 -7.62 27.12 7.17
C GLY B 200 -7.70 26.54 5.76
N SER B 201 -6.59 25.96 5.31
CA SER B 201 -6.51 25.38 3.97
C SER B 201 -7.40 24.14 3.77
N VAL B 202 -7.52 23.29 4.79
CA VAL B 202 -8.34 22.08 4.67
C VAL B 202 -9.85 22.36 4.72
N PHE B 203 -10.23 23.52 5.25
CA PHE B 203 -11.63 23.88 5.37
C PHE B 203 -12.09 25.12 4.62
N PRO B 204 -12.94 24.94 3.59
CA PRO B 204 -13.39 26.14 2.90
C PRO B 204 -14.32 26.76 3.93
N ILE B 205 -14.32 28.08 4.05
CA ILE B 205 -15.15 28.77 5.03
C ILE B 205 -16.67 28.46 5.02
N GLU B 206 -17.20 27.91 3.92
CA GLU B 206 -18.64 27.60 3.86
C GLU B 206 -18.95 26.24 4.45
N ASN B 207 -17.91 25.42 4.63
CA ASN B 207 -18.07 24.07 5.17
C ASN B 207 -17.93 24.07 6.69
N ILE B 208 -18.10 25.23 7.29
CA ILE B 208 -18.00 25.38 8.73
C ILE B 208 -19.32 25.85 9.32
N TYR B 209 -19.79 25.13 10.34
CA TYR B 209 -21.04 25.44 11.03
C TYR B 209 -20.84 25.51 12.54
N SER B 210 -21.57 26.41 13.20
CA SER B 210 -21.47 26.56 14.65
C SER B 210 -22.82 26.25 15.30
N ALA B 211 -22.92 25.05 15.86
CA ALA B 211 -24.15 24.61 16.51
C ALA B 211 -24.22 25.11 17.95
N THR B 212 -23.64 26.26 18.22
CA THR B 212 -23.66 26.79 19.58
C THR B 212 -25.08 26.97 20.13
N LYS B 213 -26.03 27.28 19.24
CA LYS B 213 -27.42 27.49 19.67
C LYS B 213 -28.48 26.49 19.20
N THR B 214 -28.48 26.14 17.92
CA THR B 214 -29.47 25.20 17.39
C THR B 214 -29.22 23.72 17.68
N GLY B 215 -28.02 23.40 18.14
CA GLY B 215 -27.70 22.00 18.40
C GLY B 215 -26.96 21.45 17.18
N LYS B 216 -26.30 20.32 17.35
CA LYS B 216 -25.55 19.73 16.25
C LYS B 216 -26.46 19.09 15.19
N GLU B 217 -27.61 18.58 15.62
CA GLU B 217 -28.54 17.95 14.69
C GLU B 217 -29.13 18.93 13.68
N SER B 218 -29.45 20.14 14.14
CA SER B 218 -30.00 21.16 13.26
C SER B 218 -28.94 21.49 12.22
N CYS B 219 -27.68 21.45 12.63
CA CYS B 219 -26.57 21.72 11.72
C CYS B 219 -26.43 20.55 10.78
N PHE B 220 -26.76 19.37 11.29
CA PHE B 220 -26.68 18.15 10.49
C PHE B 220 -27.81 18.21 9.46
N GLU B 221 -28.90 18.87 9.84
CA GLU B 221 -30.04 19.04 8.95
C GLU B 221 -29.52 19.83 7.76
N ARG B 222 -29.14 21.07 8.02
CA ARG B 222 -28.62 21.97 6.99
C ARG B 222 -27.60 21.31 6.08
N ILE B 223 -26.79 20.42 6.64
CA ILE B 223 -25.77 19.74 5.86
C ILE B 223 -26.36 18.67 4.96
N MET B 224 -27.30 17.90 5.49
CA MET B 224 -27.93 16.84 4.70
C MET B 224 -28.67 17.44 3.51
N GLN B 225 -29.42 18.51 3.76
CA GLN B 225 -30.15 19.15 2.67
C GLN B 225 -29.24 19.96 1.76
N ARG B 226 -28.02 20.25 2.20
CA ARG B 226 -27.10 21.03 1.37
C ARG B 226 -26.48 20.16 0.27
N PHE B 227 -26.45 18.85 0.49
CA PHE B 227 -25.86 17.95 -0.49
C PHE B 227 -26.84 16.90 -1.07
N GLY B 228 -27.98 16.71 -0.41
CA GLY B 228 -28.97 15.75 -0.90
C GLY B 228 -28.92 14.39 -0.24
N ARG B 229 -29.49 13.37 -0.90
CA ARG B 229 -29.49 12.02 -0.36
C ARG B 229 -28.56 11.08 -1.13
N LYS B 230 -27.93 11.61 -2.18
CA LYS B 230 -27.00 10.81 -2.98
C LYS B 230 -25.72 10.71 -2.18
N ALA B 231 -25.58 11.58 -1.19
CA ALA B 231 -24.40 11.60 -0.36
C ALA B 231 -24.54 10.77 0.90
N VAL B 232 -23.45 10.13 1.29
CA VAL B 232 -23.39 9.34 2.50
C VAL B 232 -22.72 10.26 3.52
N TYR B 233 -23.40 10.53 4.64
CA TYR B 233 -22.85 11.42 5.65
C TYR B 233 -22.25 10.65 6.81
N VAL B 234 -20.94 10.82 7.00
CA VAL B 234 -20.19 10.16 8.07
C VAL B 234 -19.88 11.14 9.20
N VAL B 235 -20.47 10.94 10.37
CA VAL B 235 -20.20 11.82 11.51
C VAL B 235 -19.01 11.31 12.33
N ILE B 236 -17.99 12.14 12.45
CA ILE B 236 -16.77 11.78 13.19
C ILE B 236 -16.62 12.61 14.47
N GLY B 237 -16.85 11.99 15.63
CA GLY B 237 -16.71 12.74 16.86
C GLY B 237 -16.61 11.90 18.12
N ASP B 238 -16.22 12.53 19.21
CA ASP B 238 -16.09 11.85 20.49
C ASP B 238 -17.31 12.05 21.40
N GLY B 239 -17.80 13.29 21.45
CA GLY B 239 -18.93 13.65 22.28
C GLY B 239 -20.20 12.86 22.06
N VAL B 240 -21.16 13.04 22.97
CA VAL B 240 -22.45 12.38 22.97
C VAL B 240 -23.41 12.94 21.91
N GLU B 241 -23.47 14.27 21.86
CA GLU B 241 -24.33 15.01 20.93
C GLU B 241 -24.14 14.53 19.50
N GLU B 242 -22.88 14.33 19.11
CA GLU B 242 -22.55 13.89 17.75
C GLU B 242 -23.21 12.56 17.37
N GLU B 243 -23.18 11.56 18.25
CA GLU B 243 -23.79 10.27 17.92
C GLU B 243 -25.29 10.21 18.07
N GLN B 244 -25.83 10.97 19.03
CA GLN B 244 -27.27 10.99 19.23
C GLN B 244 -27.92 11.44 17.92
N GLY B 245 -27.44 12.58 17.39
CA GLY B 245 -27.97 13.11 16.16
C GLY B 245 -27.60 12.32 14.90
N ALA B 246 -26.47 11.62 14.94
CA ALA B 246 -26.02 10.83 13.80
C ALA B 246 -26.92 9.61 13.55
N LYS B 247 -27.29 8.95 14.65
CA LYS B 247 -28.14 7.76 14.60
C LYS B 247 -29.58 8.11 14.23
N LYS B 248 -30.05 9.26 14.66
CA LYS B 248 -31.40 9.69 14.35
C LYS B 248 -31.60 9.60 12.85
N HIS B 249 -30.60 10.06 12.11
CA HIS B 249 -30.67 10.07 10.65
C HIS B 249 -29.94 8.90 10.02
N ASN B 250 -29.65 7.89 10.81
CA ASN B 250 -28.96 6.68 10.34
C ASN B 250 -27.70 7.02 9.56
N MET B 251 -26.90 7.92 10.13
CA MET B 251 -25.64 8.33 9.53
C MET B 251 -24.54 7.53 10.21
N PRO B 252 -23.71 6.81 9.44
CA PRO B 252 -22.67 6.07 10.15
C PRO B 252 -21.90 7.03 11.06
N PHE B 253 -21.46 6.52 12.21
CA PHE B 253 -20.73 7.34 13.16
C PHE B 253 -19.42 6.68 13.62
N TRP B 254 -18.35 7.47 13.67
CA TRP B 254 -17.06 6.96 14.13
C TRP B 254 -16.70 7.66 15.43
N ARG B 255 -16.69 6.93 16.53
CA ARG B 255 -16.36 7.47 17.86
C ARG B 255 -14.88 7.64 18.13
N ILE B 256 -14.43 8.88 18.32
CA ILE B 256 -13.01 9.14 18.60
C ILE B 256 -12.82 9.56 20.05
N SER B 257 -12.69 8.58 20.93
CA SER B 257 -12.52 8.81 22.35
C SER B 257 -11.07 8.95 22.79
N CYS B 258 -10.15 8.70 21.87
CA CYS B 258 -8.73 8.82 22.17
C CYS B 258 -7.88 8.91 20.90
N HIS B 259 -6.58 9.11 21.07
CA HIS B 259 -5.66 9.24 19.94
C HIS B 259 -5.62 8.02 19.05
N ALA B 260 -5.62 6.84 19.66
CA ALA B 260 -5.56 5.60 18.91
C ALA B 260 -6.69 5.51 17.90
N ASP B 261 -7.85 6.04 18.27
CA ASP B 261 -9.03 6.03 17.42
C ASP B 261 -8.86 6.93 16.21
N LEU B 262 -8.13 8.02 16.41
CA LEU B 262 -7.86 8.97 15.35
C LEU B 262 -7.06 8.25 14.26
N GLU B 263 -5.98 7.59 14.68
CA GLU B 263 -5.13 6.87 13.77
C GLU B 263 -5.82 5.70 13.11
N ALA B 264 -6.71 5.06 13.85
CA ALA B 264 -7.45 3.94 13.28
C ALA B 264 -8.33 4.49 12.17
N LEU B 265 -8.93 5.65 12.44
CA LEU B 265 -9.79 6.30 11.47
C LEU B 265 -8.99 6.67 10.23
N ARG B 266 -7.81 7.23 10.43
CA ARG B 266 -6.97 7.62 9.30
C ARG B 266 -6.55 6.41 8.49
N HIS B 267 -6.22 5.33 9.20
CA HIS B 267 -5.82 4.10 8.53
C HIS B 267 -6.98 3.47 7.78
N ALA B 268 -8.20 3.73 8.23
CA ALA B 268 -9.39 3.22 7.57
C ALA B 268 -9.53 3.95 6.23
N LEU B 269 -9.21 5.24 6.25
CA LEU B 269 -9.28 6.06 5.04
C LEU B 269 -8.20 5.69 4.01
N GLU B 270 -7.02 5.34 4.51
CA GLU B 270 -5.90 4.93 3.66
C GLU B 270 -6.32 3.80 2.72
N LEU B 271 -7.00 2.80 3.28
CA LEU B 271 -7.46 1.65 2.53
C LEU B 271 -8.83 1.85 1.91
N GLU B 272 -9.36 3.05 2.02
CA GLU B 272 -10.68 3.37 1.47
C GLU B 272 -11.77 2.54 2.12
N TYR B 273 -11.46 1.89 3.24
CA TYR B 273 -12.42 1.11 4.00
C TYR B 273 -13.47 2.11 4.45
N LEU B 274 -13.10 3.38 4.37
CA LEU B 274 -13.96 4.49 4.75
C LEU B 274 -13.73 5.61 3.75
N SER C 1 -32.06 3.81 4.83
CA SER C 1 -30.91 4.73 4.97
C SER C 1 -29.85 4.12 5.90
N HIS C 2 -29.56 2.85 5.67
CA HIS C 2 -28.57 2.14 6.48
C HIS C 2 -27.46 1.60 5.60
N MET C 3 -26.22 1.98 5.91
CA MET C 3 -25.09 1.52 5.13
C MET C 3 -24.82 0.04 5.43
N GLU C 4 -24.52 -0.73 4.41
CA GLU C 4 -24.24 -2.15 4.58
C GLU C 4 -22.77 -2.44 4.31
N ARG C 5 -22.23 -3.47 4.94
CA ARG C 5 -20.83 -3.86 4.76
C ARG C 5 -20.72 -5.36 4.60
N VAL C 6 -20.16 -5.78 3.48
CA VAL C 6 -19.98 -7.19 3.23
C VAL C 6 -18.49 -7.46 3.36
N PHE C 7 -18.12 -8.38 4.23
CA PHE C 7 -16.72 -8.70 4.43
C PHE C 7 -16.39 -9.99 3.72
N VAL C 8 -15.53 -9.88 2.72
CA VAL C 8 -15.12 -11.04 1.93
C VAL C 8 -13.80 -11.59 2.44
N TRP C 9 -13.89 -12.64 3.24
CA TRP C 9 -12.73 -13.29 3.85
C TRP C 9 -11.98 -14.37 3.07
N ASP C 10 -10.69 -14.50 3.35
CA ASP C 10 -9.84 -15.53 2.77
C ASP C 10 -9.71 -16.49 3.96
N LEU C 11 -9.40 -17.75 3.72
CA LEU C 11 -9.30 -18.68 4.84
C LEU C 11 -7.87 -18.91 5.34
N ASP C 12 -7.06 -19.57 4.52
CA ASP C 12 -5.69 -19.85 4.91
C ASP C 12 -4.78 -18.64 5.10
N GLU C 13 -4.09 -18.63 6.24
CA GLU C 13 -3.16 -17.59 6.64
C GLU C 13 -3.83 -16.25 6.86
N THR C 14 -5.16 -16.24 6.79
CA THR C 14 -5.93 -15.04 7.02
C THR C 14 -6.72 -15.25 8.30
N ILE C 15 -7.59 -16.25 8.31
CA ILE C 15 -8.40 -16.56 9.48
C ILE C 15 -7.75 -17.69 10.26
N ILE C 16 -7.19 -18.66 9.53
CA ILE C 16 -6.54 -19.82 10.15
C ILE C 16 -5.13 -20.04 9.63
N ILE C 17 -4.37 -20.82 10.39
CA ILE C 17 -3.02 -21.17 10.00
C ILE C 17 -3.12 -22.67 9.74
N PHE C 18 -2.90 -23.07 8.50
CA PHE C 18 -2.99 -24.47 8.15
C PHE C 18 -1.86 -24.90 7.23
N HIS C 19 -1.91 -24.47 5.97
CA HIS C 19 -0.90 -24.80 5.00
C HIS C 19 0.47 -24.34 5.48
N SER C 20 0.47 -23.24 6.21
CA SER C 20 1.69 -22.64 6.77
C SER C 20 2.36 -23.54 7.81
N LEU C 21 1.62 -24.51 8.32
CA LEU C 21 2.13 -25.44 9.31
C LEU C 21 2.94 -26.55 8.61
N LEU C 22 2.55 -26.85 7.38
CA LEU C 22 3.19 -27.90 6.59
C LEU C 22 4.37 -27.41 5.76
N THR C 23 4.36 -26.11 5.44
CA THR C 23 5.46 -25.52 4.67
C THR C 23 6.60 -25.14 5.60
N GLY C 24 6.26 -24.97 6.88
CA GLY C 24 7.23 -24.61 7.89
C GLY C 24 7.47 -23.12 7.99
N THR C 25 6.76 -22.34 7.18
CA THR C 25 6.94 -20.89 7.19
C THR C 25 6.46 -20.23 8.49
N PHE C 26 5.37 -20.73 9.08
CA PHE C 26 4.90 -20.10 10.31
C PHE C 26 5.91 -20.37 11.43
N ALA C 27 6.18 -21.65 11.68
CA ALA C 27 7.12 -22.04 12.72
C ALA C 27 8.42 -21.29 12.48
N SER C 28 8.81 -21.20 11.21
CA SER C 28 10.03 -20.53 10.82
C SER C 28 10.00 -19.05 11.15
N ARG C 29 8.88 -18.38 10.85
CA ARG C 29 8.78 -16.96 11.11
C ARG C 29 8.60 -16.53 12.58
N TYR C 30 7.94 -17.36 13.38
CA TYR C 30 7.72 -17.00 14.78
C TYR C 30 8.55 -17.77 15.82
N GLY C 31 9.64 -18.39 15.37
CA GLY C 31 10.50 -19.12 16.28
C GLY C 31 9.87 -20.36 16.91
N LYS C 32 9.18 -21.14 16.09
CA LYS C 32 8.51 -22.35 16.57
C LYS C 32 9.19 -23.61 16.05
N ASP C 33 8.91 -24.73 16.71
CA ASP C 33 9.48 -26.02 16.34
C ASP C 33 8.81 -26.51 15.05
N THR C 34 9.66 -26.70 14.03
CA THR C 34 9.23 -27.16 12.73
C THR C 34 8.71 -28.59 12.74
N THR C 35 9.30 -29.44 13.56
CA THR C 35 8.87 -30.83 13.63
C THR C 35 7.46 -30.93 14.21
N THR C 36 7.20 -30.11 15.22
CA THR C 36 5.89 -30.04 15.87
C THR C 36 4.93 -29.47 14.84
N SER C 37 5.34 -28.36 14.24
CA SER C 37 4.57 -27.67 13.24
C SER C 37 4.04 -28.61 12.19
N VAL C 38 4.93 -29.44 11.64
CA VAL C 38 4.54 -30.40 10.59
C VAL C 38 3.67 -31.52 11.12
N ARG C 39 4.00 -32.04 12.30
CA ARG C 39 3.22 -33.12 12.88
C ARG C 39 1.78 -32.64 13.07
N ILE C 40 1.62 -31.42 13.59
CA ILE C 40 0.31 -30.83 13.81
C ILE C 40 -0.42 -30.60 12.49
N GLY C 41 0.30 -30.13 11.49
CA GLY C 41 -0.29 -29.88 10.19
C GLY C 41 -0.86 -31.14 9.55
N LEU C 42 -0.14 -32.24 9.67
CA LEU C 42 -0.57 -33.52 9.11
C LEU C 42 -1.72 -34.16 9.91
N MET C 43 -1.73 -33.96 11.22
CA MET C 43 -2.79 -34.50 12.06
C MET C 43 -4.09 -33.77 11.75
N MET C 44 -4.00 -32.46 11.56
CA MET C 44 -5.18 -31.66 11.24
C MET C 44 -5.70 -32.03 9.85
N GLU C 45 -4.79 -32.05 8.89
CA GLU C 45 -5.11 -32.41 7.51
C GLU C 45 -5.92 -33.71 7.49
N GLU C 46 -5.40 -34.75 8.11
CA GLU C 46 -6.08 -36.04 8.16
C GLU C 46 -7.50 -35.96 8.70
N MET C 47 -7.70 -35.16 9.74
CA MET C 47 -9.02 -35.00 10.34
C MET C 47 -9.99 -34.35 9.37
N ILE C 48 -9.51 -33.33 8.67
CA ILE C 48 -10.36 -32.63 7.70
C ILE C 48 -10.83 -33.63 6.63
N PHE C 49 -9.87 -34.31 6.02
CA PHE C 49 -10.17 -35.30 4.98
C PHE C 49 -11.04 -36.42 5.53
N ASN C 50 -10.70 -36.88 6.72
CA ASN C 50 -11.48 -37.95 7.35
C ASN C 50 -12.93 -37.50 7.54
N LEU C 51 -13.12 -36.28 8.06
CA LEU C 51 -14.46 -35.72 8.26
C LEU C 51 -15.16 -35.61 6.91
N ALA C 52 -14.48 -34.96 5.95
CA ALA C 52 -15.02 -34.79 4.61
C ALA C 52 -15.45 -36.12 4.00
N ASP C 53 -14.60 -37.14 4.08
CA ASP C 53 -14.95 -38.43 3.53
C ASP C 53 -16.08 -39.09 4.32
N THR C 54 -15.87 -39.27 5.62
CA THR C 54 -16.86 -39.92 6.48
C THR C 54 -18.27 -39.31 6.58
N HIS C 55 -18.40 -38.00 6.46
CA HIS C 55 -19.73 -37.40 6.57
C HIS C 55 -20.12 -36.42 5.45
N LEU C 56 -19.32 -36.32 4.40
CA LEU C 56 -19.64 -35.37 3.33
C LEU C 56 -19.53 -35.95 1.91
N PHE C 57 -19.72 -37.27 1.79
CA PHE C 57 -19.68 -37.94 0.51
C PHE C 57 -18.53 -37.39 -0.31
N PHE C 58 -17.38 -37.16 0.33
CA PHE C 58 -16.25 -36.61 -0.38
C PHE C 58 -15.65 -37.51 -1.45
N ASN C 59 -15.94 -38.81 -1.42
CA ASN C 59 -15.38 -39.66 -2.45
C ASN C 59 -16.29 -39.63 -3.66
N ASP C 60 -17.44 -39.00 -3.50
CA ASP C 60 -18.42 -38.87 -4.57
C ASP C 60 -18.33 -37.47 -5.16
N LEU C 61 -18.26 -36.47 -4.27
CA LEU C 61 -18.21 -35.08 -4.68
C LEU C 61 -16.81 -34.53 -4.90
N GLU C 62 -15.81 -35.42 -4.87
CA GLU C 62 -14.44 -35.00 -5.07
C GLU C 62 -14.23 -34.60 -6.53
N ASP C 63 -14.50 -35.56 -7.41
CA ASP C 63 -14.37 -35.38 -8.85
C ASP C 63 -15.28 -34.25 -9.37
N CYS C 64 -16.39 -34.04 -8.68
CA CYS C 64 -17.34 -33.00 -9.06
C CYS C 64 -17.54 -31.97 -7.96
N ASP C 65 -16.55 -31.10 -7.79
CA ASP C 65 -16.62 -30.05 -6.77
C ASP C 65 -17.58 -28.94 -7.21
N GLN C 66 -18.07 -28.17 -6.23
CA GLN C 66 -19.02 -27.09 -6.51
C GLN C 66 -18.47 -25.73 -6.09
N ILE C 67 -19.15 -24.66 -6.53
CA ILE C 67 -18.76 -23.29 -6.19
C ILE C 67 -19.49 -22.82 -4.93
N HIS C 68 -20.76 -23.20 -4.84
CA HIS C 68 -21.59 -22.81 -3.71
C HIS C 68 -22.52 -24.00 -3.43
N VAL C 69 -22.84 -24.23 -2.16
CA VAL C 69 -23.69 -25.35 -1.77
C VAL C 69 -24.96 -25.53 -2.62
N ASP C 70 -25.77 -24.48 -2.72
CA ASP C 70 -27.01 -24.53 -3.49
C ASP C 70 -26.85 -24.40 -5.01
N ASP C 71 -25.68 -24.73 -5.55
CA ASP C 71 -25.47 -24.59 -6.99
C ASP C 71 -26.16 -25.63 -7.89
N VAL C 72 -26.88 -26.57 -7.29
CA VAL C 72 -27.60 -27.60 -8.06
C VAL C 72 -29.00 -27.87 -7.53
N SER C 73 -29.45 -27.05 -6.60
CA SER C 73 -30.78 -27.20 -6.00
C SER C 73 -31.88 -27.34 -7.05
N SER C 74 -31.55 -26.96 -8.28
CA SER C 74 -32.48 -27.03 -9.42
C SER C 74 -32.84 -28.47 -9.78
N ASP C 75 -31.89 -29.38 -9.58
CA ASP C 75 -32.08 -30.80 -9.89
C ASP C 75 -32.47 -31.56 -8.62
N ASP C 76 -33.53 -31.13 -7.95
CA ASP C 76 -33.95 -31.78 -6.72
C ASP C 76 -35.47 -32.03 -6.69
N ASN C 77 -36.05 -31.95 -5.50
CA ASN C 77 -37.48 -32.16 -5.30
C ASN C 77 -37.92 -31.92 -3.84
N GLY C 78 -37.10 -31.19 -3.08
CA GLY C 78 -37.41 -30.91 -1.68
C GLY C 78 -38.07 -32.06 -0.95
N GLN C 79 -37.29 -33.10 -0.68
CA GLN C 79 -37.78 -34.31 -0.01
C GLN C 79 -37.06 -34.61 1.31
N ASP C 80 -37.49 -35.66 2.01
CA ASP C 80 -36.86 -36.05 3.27
C ASP C 80 -35.64 -36.92 2.96
N LEU C 81 -34.49 -36.53 3.47
CA LEU C 81 -33.26 -37.28 3.21
C LEU C 81 -32.75 -37.96 4.48
N SER C 82 -33.43 -37.69 5.59
CA SER C 82 -33.06 -38.27 6.89
C SER C 82 -33.29 -39.78 6.81
N THR C 83 -33.98 -40.19 5.75
CA THR C 83 -34.30 -41.60 5.53
C THR C 83 -33.61 -42.21 4.30
N TYR C 84 -33.26 -41.37 3.32
CA TYR C 84 -32.60 -41.81 2.09
C TYR C 84 -31.35 -42.65 2.38
N ASN C 85 -30.97 -43.50 1.43
CA ASN C 85 -29.79 -44.35 1.56
C ASN C 85 -28.82 -44.02 0.41
N PHE C 86 -27.79 -43.23 0.73
CA PHE C 86 -26.82 -42.80 -0.26
C PHE C 86 -25.87 -43.89 -0.78
N SER C 87 -25.53 -44.87 0.06
CA SER C 87 -24.65 -45.94 -0.39
C SER C 87 -25.48 -46.93 -1.20
N ALA C 88 -26.80 -46.71 -1.22
CA ALA C 88 -27.75 -47.56 -1.95
C ALA C 88 -27.85 -47.21 -3.43
N ASP C 89 -28.26 -45.97 -3.72
CA ASP C 89 -28.40 -45.51 -5.11
C ASP C 89 -27.08 -45.61 -5.88
N GLY C 90 -27.06 -45.06 -7.08
CA GLY C 90 -25.85 -45.08 -7.88
C GLY C 90 -24.94 -43.97 -7.38
N PHE C 91 -23.67 -44.00 -7.77
CA PHE C 91 -22.75 -42.96 -7.35
C PHE C 91 -22.98 -41.66 -8.14
N GLY C 108 -24.25 -40.35 -16.71
CA GLY C 108 -25.29 -39.47 -17.32
C GLY C 108 -25.36 -38.08 -16.69
N GLY C 109 -26.57 -37.57 -16.50
CA GLY C 109 -26.73 -36.25 -15.91
C GLY C 109 -28.15 -35.73 -15.86
N VAL C 110 -29.09 -36.58 -15.45
CA VAL C 110 -30.50 -36.18 -15.36
C VAL C 110 -31.09 -36.77 -14.09
N ASP C 111 -31.22 -38.09 -14.10
CA ASP C 111 -31.74 -38.84 -12.96
C ASP C 111 -30.60 -38.83 -11.95
N TRP C 112 -29.40 -38.68 -12.49
CA TRP C 112 -28.16 -38.64 -11.71
C TRP C 112 -27.98 -37.32 -10.96
N MET C 113 -28.48 -36.22 -11.55
CA MET C 113 -28.39 -34.92 -10.92
C MET C 113 -29.18 -34.88 -9.61
N ARG C 114 -30.30 -35.61 -9.55
CA ARG C 114 -31.10 -35.66 -8.34
C ARG C 114 -30.27 -36.33 -7.26
N LYS C 115 -29.61 -37.44 -7.62
CA LYS C 115 -28.78 -38.18 -6.68
C LYS C 115 -27.68 -37.26 -6.14
N LEU C 116 -27.30 -36.27 -6.95
CA LEU C 116 -26.26 -35.31 -6.60
C LEU C 116 -26.76 -34.22 -5.64
N ALA C 117 -27.69 -33.41 -6.12
CA ALA C 117 -28.26 -32.32 -5.33
C ALA C 117 -28.74 -32.83 -3.97
N PHE C 118 -28.97 -34.13 -3.88
CA PHE C 118 -29.40 -34.77 -2.64
C PHE C 118 -28.27 -34.69 -1.64
N ARG C 119 -27.07 -35.00 -2.11
CA ARG C 119 -25.88 -34.98 -1.28
C ARG C 119 -25.52 -33.53 -0.88
N TYR C 120 -25.56 -32.59 -1.82
CA TYR C 120 -25.25 -31.20 -1.48
C TYR C 120 -26.35 -30.55 -0.64
N ARG C 121 -27.46 -31.26 -0.47
CA ARG C 121 -28.55 -30.74 0.34
C ARG C 121 -28.39 -31.36 1.72
N ARG C 122 -27.82 -32.57 1.76
CA ARG C 122 -27.62 -33.25 3.03
C ARG C 122 -26.45 -32.57 3.75
N VAL C 123 -25.40 -32.27 2.99
CA VAL C 123 -24.22 -31.61 3.51
C VAL C 123 -24.63 -30.31 4.22
N LYS C 124 -25.52 -29.55 3.58
CA LYS C 124 -26.03 -28.31 4.13
C LYS C 124 -26.73 -28.56 5.46
N GLU C 125 -27.56 -29.60 5.50
CA GLU C 125 -28.30 -29.97 6.70
C GLU C 125 -27.41 -30.35 7.89
N MET C 126 -26.36 -31.11 7.64
CA MET C 126 -25.49 -31.51 8.73
C MET C 126 -24.62 -30.37 9.23
N TYR C 127 -24.32 -29.43 8.35
CA TYR C 127 -23.50 -28.28 8.69
C TYR C 127 -24.21 -27.44 9.74
N ASN C 128 -25.53 -27.32 9.59
CA ASN C 128 -26.33 -26.50 10.52
C ASN C 128 -26.70 -27.19 11.82
N THR C 129 -26.66 -28.52 11.82
CA THR C 129 -26.99 -29.26 13.03
C THR C 129 -25.69 -29.50 13.81
N TYR C 130 -24.56 -29.51 13.11
CA TYR C 130 -23.29 -29.72 13.78
C TYR C 130 -22.31 -28.57 13.65
N LYS C 131 -22.81 -27.37 13.35
CA LYS C 131 -21.94 -26.22 13.23
C LYS C 131 -21.49 -25.83 14.63
N ASN C 132 -22.32 -26.14 15.63
CA ASN C 132 -22.01 -25.83 17.02
C ASN C 132 -21.86 -27.10 17.83
N ASN C 133 -21.76 -28.22 17.12
CA ASN C 133 -21.60 -29.51 17.75
C ASN C 133 -20.72 -30.40 16.90
N VAL C 134 -19.54 -29.90 16.57
CA VAL C 134 -18.57 -30.62 15.76
C VAL C 134 -18.11 -31.90 16.44
N GLY C 135 -17.91 -31.82 17.76
CA GLY C 135 -17.49 -32.99 18.52
C GLY C 135 -18.62 -33.99 18.61
N GLY C 136 -19.82 -33.52 18.28
CA GLY C 136 -20.99 -34.38 18.30
C GLY C 136 -20.99 -35.16 17.00
N LEU C 137 -20.62 -34.51 15.91
CA LEU C 137 -20.57 -35.16 14.61
C LEU C 137 -19.32 -35.99 14.44
N ILE C 138 -18.24 -35.58 15.10
CA ILE C 138 -16.98 -36.28 15.01
C ILE C 138 -17.00 -37.53 15.92
N GLY C 139 -17.78 -37.46 17.00
CA GLY C 139 -17.88 -38.58 17.91
C GLY C 139 -16.60 -38.84 18.69
N THR C 140 -16.57 -39.95 19.42
CA THR C 140 -15.39 -40.32 20.21
C THR C 140 -14.78 -41.58 19.59
N PRO C 141 -13.45 -41.75 19.68
CA PRO C 141 -12.43 -40.89 20.30
C PRO C 141 -11.92 -39.71 19.46
N LYS C 142 -12.54 -39.45 18.33
CA LYS C 142 -12.08 -38.34 17.50
C LYS C 142 -12.19 -36.97 18.14
N ARG C 143 -13.25 -36.70 18.89
CA ARG C 143 -13.41 -35.39 19.52
C ARG C 143 -12.32 -35.10 20.56
N GLU C 144 -11.90 -36.14 21.28
CA GLU C 144 -10.89 -36.01 22.31
C GLU C 144 -9.51 -35.72 21.74
N THR C 145 -9.20 -36.31 20.60
CA THR C 145 -7.90 -36.08 19.99
C THR C 145 -7.92 -34.74 19.23
N TRP C 146 -9.13 -34.30 18.89
CA TRP C 146 -9.39 -33.06 18.16
C TRP C 146 -9.25 -31.82 19.03
N LEU C 147 -9.68 -31.93 20.28
CA LEU C 147 -9.59 -30.82 21.21
C LEU C 147 -8.14 -30.59 21.64
N GLN C 148 -7.39 -31.68 21.73
CA GLN C 148 -5.99 -31.62 22.13
C GLN C 148 -5.15 -31.07 21.00
N LEU C 149 -5.59 -31.33 19.77
CA LEU C 149 -4.90 -30.86 18.58
C LEU C 149 -5.08 -29.36 18.50
N ARG C 150 -6.35 -28.94 18.50
CA ARG C 150 -6.70 -27.53 18.43
C ARG C 150 -5.97 -26.74 19.50
N ALA C 151 -5.68 -27.42 20.61
CA ALA C 151 -4.97 -26.82 21.74
C ALA C 151 -3.49 -26.66 21.38
N GLU C 152 -2.92 -27.67 20.72
CA GLU C 152 -1.52 -27.60 20.31
C GLU C 152 -1.38 -26.50 19.27
N LEU C 153 -2.33 -26.44 18.36
CA LEU C 153 -2.33 -25.44 17.31
C LEU C 153 -2.37 -24.02 17.89
N GLU C 154 -3.32 -23.74 18.78
CA GLU C 154 -3.43 -22.41 19.34
C GLU C 154 -2.18 -21.92 20.06
N ALA C 155 -1.44 -22.85 20.67
CA ALA C 155 -0.23 -22.47 21.37
C ALA C 155 0.86 -22.17 20.34
N LEU C 156 0.99 -23.06 19.35
CA LEU C 156 2.00 -22.89 18.31
C LEU C 156 1.78 -21.64 17.46
N THR C 157 0.52 -21.28 17.23
CA THR C 157 0.19 -20.12 16.41
C THR C 157 -0.01 -18.86 17.23
N ASP C 158 0.30 -18.95 18.52
CA ASP C 158 0.17 -17.82 19.42
C ASP C 158 -1.20 -17.16 19.35
N LEU C 159 -2.24 -17.98 19.46
CA LEU C 159 -3.62 -17.49 19.46
C LEU C 159 -4.10 -16.79 18.18
N TRP C 160 -3.62 -17.23 17.02
CA TRP C 160 -4.03 -16.59 15.78
C TRP C 160 -5.55 -16.62 15.60
N LEU C 161 -6.12 -17.83 15.64
CA LEU C 161 -7.55 -18.03 15.50
C LEU C 161 -8.33 -17.13 16.47
N THR C 162 -7.86 -17.05 17.71
CA THR C 162 -8.48 -16.19 18.73
C THR C 162 -8.61 -14.76 18.21
N HIS C 163 -7.53 -14.25 17.62
CA HIS C 163 -7.50 -12.91 17.07
C HIS C 163 -8.42 -12.73 15.89
N SER C 164 -8.39 -13.68 14.96
CA SER C 164 -9.25 -13.57 13.79
C SER C 164 -10.71 -13.69 14.21
N LEU C 165 -10.97 -14.59 15.16
CA LEU C 165 -12.35 -14.78 15.64
C LEU C 165 -12.91 -13.50 16.22
N LYS C 166 -12.09 -12.77 16.98
CA LYS C 166 -12.53 -11.52 17.57
C LYS C 166 -13.13 -10.58 16.52
N ALA C 167 -12.59 -10.64 15.31
CA ALA C 167 -13.07 -9.80 14.21
C ALA C 167 -14.33 -10.41 13.61
N LEU C 168 -14.27 -11.71 13.32
CA LEU C 168 -15.40 -12.43 12.75
C LEU C 168 -16.62 -12.27 13.63
N ASN C 169 -16.41 -12.43 14.94
CA ASN C 169 -17.50 -12.32 15.90
C ASN C 169 -18.08 -10.92 16.01
N LEU C 170 -17.27 -9.90 15.70
CA LEU C 170 -17.75 -8.52 15.77
C LEU C 170 -18.59 -8.22 14.52
N ILE C 171 -18.11 -8.68 13.38
CA ILE C 171 -18.82 -8.51 12.11
C ILE C 171 -20.19 -9.20 12.13
N ASN C 172 -20.25 -10.36 12.77
CA ASN C 172 -21.48 -11.13 12.84
C ASN C 172 -22.53 -10.45 13.70
N SER C 173 -22.16 -10.16 14.93
CA SER C 173 -23.05 -9.50 15.89
C SER C 173 -23.52 -8.14 15.40
N ARG C 174 -22.65 -7.39 14.72
CA ARG C 174 -23.05 -6.09 14.21
C ARG C 174 -24.15 -6.28 13.18
N PRO C 175 -25.22 -5.47 13.29
CA PRO C 175 -26.41 -5.46 12.44
C PRO C 175 -26.20 -5.37 10.94
N ASN C 176 -25.53 -4.30 10.50
CA ASN C 176 -25.32 -4.09 9.06
C ASN C 176 -24.02 -4.63 8.51
N CYS C 177 -23.49 -5.69 9.14
CA CYS C 177 -22.24 -6.30 8.70
C CYS C 177 -22.44 -7.78 8.45
N VAL C 178 -21.87 -8.25 7.34
CA VAL C 178 -21.97 -9.65 6.92
C VAL C 178 -20.63 -10.33 6.64
N ASN C 179 -20.53 -11.58 7.08
CA ASN C 179 -19.34 -12.38 6.85
C ASN C 179 -19.53 -13.29 5.63
N VAL C 180 -18.68 -13.10 4.64
CA VAL C 180 -18.70 -13.89 3.42
C VAL C 180 -17.30 -14.50 3.36
N LEU C 181 -17.20 -15.71 2.83
CA LEU C 181 -15.92 -16.39 2.73
C LEU C 181 -15.65 -16.83 1.31
N VAL C 182 -14.42 -16.66 0.85
CA VAL C 182 -14.04 -17.10 -0.50
C VAL C 182 -12.71 -17.84 -0.40
N THR C 183 -12.77 -19.15 -0.51
CA THR C 183 -11.59 -19.99 -0.41
C THR C 183 -11.16 -20.65 -1.73
N THR C 184 -9.89 -21.01 -1.79
CA THR C 184 -9.32 -21.65 -2.98
C THR C 184 -9.57 -23.16 -2.89
N THR C 185 -9.82 -23.62 -1.67
CA THR C 185 -10.10 -25.03 -1.38
C THR C 185 -11.44 -25.48 -1.95
N GLN C 186 -11.61 -26.79 -2.14
CA GLN C 186 -12.86 -27.32 -2.66
C GLN C 186 -13.95 -27.14 -1.62
N LEU C 187 -15.19 -26.98 -2.07
CA LEU C 187 -16.30 -26.76 -1.15
C LEU C 187 -16.39 -27.78 -0.01
N ILE C 188 -16.47 -29.07 -0.35
CA ILE C 188 -16.58 -30.11 0.68
C ILE C 188 -15.44 -30.08 1.69
N PRO C 189 -14.19 -30.04 1.22
CA PRO C 189 -13.08 -30.01 2.18
C PRO C 189 -13.16 -28.72 3.02
N ALA C 190 -13.37 -27.59 2.35
CA ALA C 190 -13.49 -26.29 2.99
C ALA C 190 -14.48 -26.36 4.15
N LEU C 191 -15.65 -26.92 3.91
CA LEU C 191 -16.66 -27.04 4.95
C LEU C 191 -16.13 -27.88 6.10
N ALA C 192 -15.34 -28.89 5.78
CA ALA C 192 -14.76 -29.75 6.79
C ALA C 192 -13.85 -28.85 7.62
N LYS C 193 -12.99 -28.14 6.90
CA LYS C 193 -12.03 -27.22 7.49
C LYS C 193 -12.74 -26.19 8.38
N VAL C 194 -13.72 -25.51 7.81
CA VAL C 194 -14.48 -24.51 8.53
C VAL C 194 -15.08 -25.05 9.83
N LEU C 195 -15.52 -26.30 9.82
CA LEU C 195 -16.11 -26.91 11.00
C LEU C 195 -15.09 -27.27 12.07
N LEU C 196 -14.02 -27.95 11.65
CA LEU C 196 -12.96 -28.36 12.56
C LEU C 196 -12.19 -27.19 13.15
N TYR C 197 -12.28 -26.02 12.52
CA TYR C 197 -11.61 -24.83 13.03
C TYR C 197 -12.59 -23.97 13.82
N GLY C 198 -13.79 -24.49 14.04
CA GLY C 198 -14.79 -23.76 14.80
C GLY C 198 -15.35 -22.49 14.16
N LEU C 199 -15.42 -22.47 12.84
CA LEU C 199 -15.93 -21.31 12.13
C LEU C 199 -17.35 -21.48 11.62
N GLY C 200 -17.90 -22.68 11.80
CA GLY C 200 -19.25 -22.95 11.34
C GLY C 200 -20.24 -22.00 11.99
N SER C 201 -19.90 -21.57 13.20
CA SER C 201 -20.72 -20.66 13.99
C SER C 201 -20.79 -19.24 13.41
N VAL C 202 -19.69 -18.75 12.82
CA VAL C 202 -19.66 -17.40 12.25
C VAL C 202 -19.97 -17.36 10.78
N PHE C 203 -19.95 -18.52 10.12
CA PHE C 203 -20.22 -18.54 8.67
C PHE C 203 -21.47 -19.27 8.22
N PRO C 204 -22.54 -18.53 7.89
CA PRO C 204 -23.73 -19.24 7.44
C PRO C 204 -23.27 -20.01 6.20
N ILE C 205 -23.72 -21.25 6.07
CA ILE C 205 -23.28 -22.09 4.96
C ILE C 205 -23.50 -21.52 3.56
N GLU C 206 -24.50 -20.66 3.39
CA GLU C 206 -24.75 -20.10 2.08
C GLU C 206 -23.87 -18.89 1.79
N ASN C 207 -22.93 -18.62 2.68
CA ASN C 207 -22.00 -17.49 2.51
C ASN C 207 -20.63 -17.95 2.08
N ILE C 208 -20.42 -19.26 2.01
CA ILE C 208 -19.14 -19.83 1.62
C ILE C 208 -19.07 -20.08 0.11
N TYR C 209 -18.02 -19.55 -0.51
CA TYR C 209 -17.80 -19.71 -1.95
C TYR C 209 -16.45 -20.35 -2.23
N SER C 210 -16.44 -21.39 -3.06
CA SER C 210 -15.19 -22.03 -3.41
C SER C 210 -14.74 -21.44 -4.75
N ALA C 211 -13.48 -21.03 -4.82
CA ALA C 211 -12.95 -20.44 -6.05
C ALA C 211 -12.09 -21.42 -6.84
N THR C 212 -12.19 -22.70 -6.51
CA THR C 212 -11.41 -23.76 -7.17
C THR C 212 -11.33 -23.65 -8.69
N LYS C 213 -12.46 -23.33 -9.33
CA LYS C 213 -12.45 -23.20 -10.78
C LYS C 213 -12.47 -21.76 -11.26
N THR C 214 -13.58 -21.08 -10.98
CA THR C 214 -13.79 -19.69 -11.35
C THR C 214 -12.68 -18.73 -10.93
N GLY C 215 -11.83 -19.15 -10.01
CA GLY C 215 -10.77 -18.28 -9.52
C GLY C 215 -11.47 -17.40 -8.51
N LYS C 216 -10.78 -16.44 -7.91
CA LYS C 216 -11.44 -15.60 -6.93
C LYS C 216 -12.16 -14.38 -7.49
N GLU C 217 -11.59 -13.78 -8.54
CA GLU C 217 -12.16 -12.59 -9.16
C GLU C 217 -13.65 -12.73 -9.52
N SER C 218 -14.00 -13.81 -10.20
CA SER C 218 -15.39 -14.04 -10.58
C SER C 218 -16.23 -14.37 -9.35
N CYS C 219 -15.58 -14.91 -8.33
CA CYS C 219 -16.26 -15.26 -7.08
C CYS C 219 -16.61 -13.98 -6.32
N PHE C 220 -15.83 -12.92 -6.55
CA PHE C 220 -16.09 -11.65 -5.91
C PHE C 220 -17.24 -10.97 -6.64
N GLU C 221 -17.14 -10.91 -7.96
CA GLU C 221 -18.15 -10.32 -8.81
C GLU C 221 -19.54 -10.84 -8.42
N ARG C 222 -19.64 -12.16 -8.31
CA ARG C 222 -20.90 -12.83 -7.95
C ARG C 222 -21.43 -12.43 -6.57
N ILE C 223 -20.53 -12.04 -5.68
CA ILE C 223 -20.91 -11.61 -4.34
C ILE C 223 -21.46 -10.18 -4.43
N MET C 224 -20.80 -9.35 -5.24
CA MET C 224 -21.22 -7.97 -5.40
C MET C 224 -22.57 -7.91 -6.08
N GLN C 225 -22.81 -8.84 -7.00
CA GLN C 225 -24.09 -8.89 -7.67
C GLN C 225 -25.14 -9.38 -6.68
N ARG C 226 -24.74 -10.28 -5.78
CA ARG C 226 -25.69 -10.80 -4.80
C ARG C 226 -26.14 -9.72 -3.84
N PHE C 227 -25.22 -9.23 -3.01
CA PHE C 227 -25.53 -8.21 -2.00
C PHE C 227 -25.84 -6.80 -2.51
N GLY C 228 -25.50 -6.51 -3.77
CA GLY C 228 -25.81 -5.21 -4.32
C GLY C 228 -24.63 -4.31 -4.65
N ARG C 229 -24.96 -3.08 -5.01
CA ARG C 229 -23.97 -2.09 -5.38
C ARG C 229 -23.92 -0.98 -4.33
N LYS C 230 -24.93 -0.98 -3.45
CA LYS C 230 -25.05 0.02 -2.38
C LYS C 230 -24.19 -0.40 -1.17
N ALA C 231 -24.00 -1.72 -1.00
CA ALA C 231 -23.20 -2.26 0.08
C ALA C 231 -21.71 -1.99 -0.15
N VAL C 232 -20.99 -1.71 0.93
CA VAL C 232 -19.55 -1.47 0.86
C VAL C 232 -18.84 -2.80 1.08
N TYR C 233 -17.98 -3.19 0.13
CA TYR C 233 -17.27 -4.46 0.22
C TYR C 233 -15.87 -4.26 0.76
N VAL C 234 -15.41 -5.23 1.54
CA VAL C 234 -14.08 -5.18 2.12
C VAL C 234 -13.43 -6.55 1.98
N VAL C 235 -12.47 -6.69 1.07
CA VAL C 235 -11.77 -7.96 0.85
C VAL C 235 -10.60 -8.10 1.81
N ILE C 236 -10.61 -9.18 2.59
CA ILE C 236 -9.58 -9.44 3.58
C ILE C 236 -8.80 -10.70 3.23
N GLY C 237 -7.47 -10.59 3.22
CA GLY C 237 -6.66 -11.74 2.89
C GLY C 237 -5.18 -11.46 2.97
N ASP C 238 -4.38 -12.51 2.78
CA ASP C 238 -2.92 -12.40 2.86
C ASP C 238 -2.28 -12.61 1.50
N GLY C 239 -2.95 -13.36 0.64
CA GLY C 239 -2.43 -13.67 -0.68
C GLY C 239 -2.60 -12.60 -1.75
N VAL C 240 -2.05 -12.89 -2.91
CA VAL C 240 -2.09 -11.97 -4.05
C VAL C 240 -3.39 -12.08 -4.84
N GLU C 241 -3.93 -13.29 -4.94
CA GLU C 241 -5.16 -13.52 -5.71
C GLU C 241 -6.31 -12.61 -5.25
N GLU C 242 -6.50 -12.51 -3.94
CA GLU C 242 -7.57 -11.68 -3.38
C GLU C 242 -7.34 -10.20 -3.63
N GLU C 243 -6.09 -9.77 -3.48
CA GLU C 243 -5.75 -8.38 -3.68
C GLU C 243 -5.91 -8.00 -5.15
N GLN C 244 -5.45 -8.88 -6.03
CA GLN C 244 -5.54 -8.67 -7.46
C GLN C 244 -7.01 -8.63 -7.87
N GLY C 245 -7.80 -9.53 -7.30
CA GLY C 245 -9.22 -9.56 -7.61
C GLY C 245 -9.91 -8.31 -7.10
N ALA C 246 -9.47 -7.83 -5.93
CA ALA C 246 -10.05 -6.63 -5.32
C ALA C 246 -9.79 -5.39 -6.19
N LYS C 247 -8.63 -5.32 -6.81
CA LYS C 247 -8.26 -4.18 -7.66
C LYS C 247 -9.13 -4.10 -8.92
N LYS C 248 -9.37 -5.25 -9.54
CA LYS C 248 -10.17 -5.33 -10.75
C LYS C 248 -11.60 -4.87 -10.54
N HIS C 249 -12.09 -4.97 -9.30
CA HIS C 249 -13.46 -4.58 -8.98
C HIS C 249 -13.55 -3.36 -8.09
N ASN C 250 -12.42 -2.71 -7.85
CA ASN C 250 -12.36 -1.52 -7.02
C ASN C 250 -13.05 -1.72 -5.68
N MET C 251 -12.70 -2.81 -5.02
CA MET C 251 -13.23 -3.13 -3.70
C MET C 251 -12.07 -2.92 -2.74
N PRO C 252 -12.26 -2.12 -1.69
CA PRO C 252 -11.13 -1.94 -0.78
C PRO C 252 -10.55 -3.28 -0.29
N PHE C 253 -9.22 -3.35 -0.20
CA PHE C 253 -8.54 -4.56 0.26
C PHE C 253 -7.78 -4.31 1.57
N TRP C 254 -7.97 -5.22 2.53
CA TRP C 254 -7.31 -5.14 3.84
C TRP C 254 -6.41 -6.36 3.98
N ARG C 255 -5.11 -6.17 3.78
CA ARG C 255 -4.15 -7.27 3.87
C ARG C 255 -3.90 -7.76 5.29
N ILE C 256 -3.77 -9.07 5.46
CA ILE C 256 -3.50 -9.65 6.78
C ILE C 256 -2.15 -10.35 6.70
N SER C 257 -1.20 -9.84 7.45
CA SER C 257 0.15 -10.37 7.48
C SER C 257 0.59 -10.81 8.86
N CYS C 258 -0.13 -10.36 9.89
CA CYS C 258 0.20 -10.69 11.27
C CYS C 258 -0.96 -10.45 12.23
N HIS C 259 -0.79 -10.87 13.49
CA HIS C 259 -1.81 -10.70 14.51
C HIS C 259 -2.24 -9.23 14.61
N ALA C 260 -1.28 -8.33 14.43
CA ALA C 260 -1.53 -6.89 14.51
C ALA C 260 -2.48 -6.39 13.44
N ASP C 261 -2.49 -7.04 12.27
CA ASP C 261 -3.38 -6.63 11.19
C ASP C 261 -4.81 -7.02 11.53
N LEU C 262 -4.93 -8.07 12.33
CA LEU C 262 -6.22 -8.57 12.78
C LEU C 262 -6.71 -7.72 13.95
N GLU C 263 -5.79 -7.14 14.71
CA GLU C 263 -6.18 -6.30 15.83
C GLU C 263 -6.69 -4.97 15.29
N ALA C 264 -6.02 -4.51 14.24
CA ALA C 264 -6.35 -3.26 13.58
C ALA C 264 -7.76 -3.30 12.99
N LEU C 265 -8.11 -4.44 12.41
CA LEU C 265 -9.42 -4.63 11.80
C LEU C 265 -10.51 -4.64 12.86
N ARG C 266 -10.24 -5.34 13.95
CA ARG C 266 -11.16 -5.45 15.06
C ARG C 266 -11.41 -4.06 15.62
N HIS C 267 -10.33 -3.31 15.84
CA HIS C 267 -10.42 -1.95 16.37
C HIS C 267 -11.32 -1.08 15.49
N ALA C 268 -11.12 -1.15 14.18
CA ALA C 268 -11.93 -0.39 13.23
C ALA C 268 -13.40 -0.79 13.37
N LEU C 269 -13.64 -2.08 13.62
CA LEU C 269 -15.01 -2.60 13.77
C LEU C 269 -15.64 -2.09 15.05
N GLU C 270 -14.78 -1.82 16.02
CA GLU C 270 -15.16 -1.34 17.34
C GLU C 270 -15.54 0.16 17.37
N LEU C 271 -15.12 0.92 16.36
CA LEU C 271 -15.37 2.36 16.32
C LEU C 271 -16.55 2.85 15.48
N GLU C 272 -17.04 2.04 14.56
CA GLU C 272 -18.13 2.47 13.68
C GLU C 272 -19.51 1.95 14.05
N TYR C 273 -20.50 2.85 13.96
CA TYR C 273 -21.90 2.52 14.25
C TYR C 273 -22.71 2.85 13.01
N LEU C 274 -23.16 1.81 12.30
CA LEU C 274 -23.92 1.95 11.07
C LEU C 274 -25.46 1.94 11.21
N GLU D 4 3.56 -5.71 -20.46
CA GLU D 4 4.24 -6.88 -21.09
C GLU D 4 5.70 -6.99 -20.67
N ARG D 5 5.92 -7.64 -19.54
CA ARG D 5 7.27 -7.86 -19.04
C ARG D 5 7.52 -9.34 -18.90
N VAL D 6 8.76 -9.72 -19.11
CA VAL D 6 9.16 -11.11 -19.01
C VAL D 6 10.35 -11.19 -18.04
N PHE D 7 10.13 -11.76 -16.87
CA PHE D 7 11.20 -11.89 -15.88
C PHE D 7 11.92 -13.21 -16.04
N VAL D 8 13.19 -13.14 -16.37
CA VAL D 8 13.98 -14.34 -16.57
C VAL D 8 14.79 -14.57 -15.31
N TRP D 9 14.39 -15.60 -14.56
CA TRP D 9 15.02 -15.94 -13.30
C TRP D 9 16.11 -16.99 -13.36
N ASP D 10 16.95 -16.95 -12.35
CA ASP D 10 18.02 -17.90 -12.17
C ASP D 10 17.45 -18.79 -11.06
N LEU D 11 17.94 -20.01 -10.90
CA LEU D 11 17.39 -20.85 -9.86
C LEU D 11 18.14 -20.77 -8.53
N ASP D 12 19.28 -21.44 -8.49
CA ASP D 12 20.10 -21.49 -7.29
C ASP D 12 20.62 -20.15 -6.76
N GLU D 13 20.47 -20.00 -5.46
CA GLU D 13 20.93 -18.84 -4.73
C GLU D 13 20.33 -17.53 -5.21
N THR D 14 19.16 -17.66 -5.83
CA THR D 14 18.34 -16.54 -6.31
C THR D 14 16.93 -16.86 -5.82
N ILE D 15 16.30 -17.89 -6.39
CA ILE D 15 14.95 -18.28 -5.97
C ILE D 15 15.00 -19.28 -4.81
N ILE D 16 15.95 -20.22 -4.86
CA ILE D 16 16.10 -21.23 -3.84
C ILE D 16 17.52 -21.31 -3.33
N ILE D 17 17.68 -22.03 -2.23
CA ILE D 17 18.98 -22.25 -1.63
C ILE D 17 19.18 -23.76 -1.70
N PHE D 18 20.24 -24.17 -2.38
CA PHE D 18 20.52 -25.59 -2.51
C PHE D 18 22.03 -25.88 -2.59
N HIS D 19 22.65 -25.59 -3.73
CA HIS D 19 24.07 -25.82 -3.92
C HIS D 19 24.88 -25.19 -2.78
N SER D 20 24.55 -23.98 -2.37
CA SER D 20 25.31 -23.31 -1.31
C SER D 20 25.21 -24.01 0.03
N LEU D 21 24.27 -24.94 0.15
CA LEU D 21 24.11 -25.70 1.38
C LEU D 21 25.19 -26.78 1.37
N LEU D 22 25.48 -27.29 0.17
CA LEU D 22 26.46 -28.35 -0.02
C LEU D 22 27.91 -27.86 -0.02
N THR D 23 28.15 -26.62 -0.44
CA THR D 23 29.52 -26.09 -0.47
C THR D 23 29.96 -25.36 0.80
N GLY D 24 29.00 -24.90 1.59
CA GLY D 24 29.35 -24.20 2.81
C GLY D 24 29.24 -22.68 2.74
N THR D 25 29.27 -22.10 1.55
CA THR D 25 29.16 -20.65 1.44
C THR D 25 27.91 -20.09 2.13
N PHE D 26 26.80 -20.81 2.08
CA PHE D 26 25.59 -20.31 2.73
C PHE D 26 25.80 -20.17 4.21
N ALA D 27 26.22 -21.26 4.85
CA ALA D 27 26.44 -21.28 6.28
C ALA D 27 27.37 -20.18 6.78
N SER D 28 28.47 -19.98 6.06
CA SER D 28 29.45 -18.99 6.46
C SER D 28 29.00 -17.56 6.18
N ARG D 29 28.27 -17.38 5.08
CA ARG D 29 27.79 -16.07 4.69
C ARG D 29 26.72 -15.51 5.59
N TYR D 30 25.89 -16.38 6.15
CA TYR D 30 24.79 -15.94 7.01
C TYR D 30 24.85 -16.42 8.46
N GLY D 31 25.98 -16.96 8.88
CA GLY D 31 26.10 -17.40 10.26
C GLY D 31 25.19 -18.54 10.73
N LYS D 32 25.05 -19.57 9.90
CA LYS D 32 24.24 -20.73 10.26
C LYS D 32 25.14 -21.91 10.59
N ASP D 33 24.60 -22.94 11.23
CA ASP D 33 25.43 -24.08 11.56
C ASP D 33 25.82 -24.81 10.27
N THR D 34 27.13 -24.86 10.03
CA THR D 34 27.69 -25.48 8.84
C THR D 34 27.30 -26.93 8.65
N THR D 35 27.22 -27.68 9.75
CA THR D 35 26.86 -29.10 9.68
C THR D 35 25.37 -29.33 9.45
N THR D 36 24.53 -28.48 10.02
CA THR D 36 23.10 -28.59 9.82
C THR D 36 22.84 -28.27 8.34
N SER D 37 23.56 -27.28 7.80
CA SER D 37 23.40 -26.90 6.40
C SER D 37 23.70 -28.05 5.43
N VAL D 38 24.85 -28.69 5.60
CA VAL D 38 25.27 -29.80 4.75
C VAL D 38 24.32 -31.00 4.84
N ARG D 39 23.87 -31.32 6.04
CA ARG D 39 22.97 -32.45 6.26
C ARG D 39 21.69 -32.31 5.44
N ILE D 40 21.09 -31.12 5.48
CA ILE D 40 19.87 -30.81 4.74
C ILE D 40 20.13 -30.80 3.23
N GLY D 41 21.23 -30.18 2.82
CA GLY D 41 21.58 -30.13 1.41
C GLY D 41 21.68 -31.52 0.80
N LEU D 42 22.42 -32.40 1.46
CA LEU D 42 22.60 -33.78 1.00
C LEU D 42 21.29 -34.55 0.97
N MET D 43 20.47 -34.38 2.01
CA MET D 43 19.17 -35.06 2.05
C MET D 43 18.27 -34.57 0.92
N MET D 44 18.30 -33.26 0.66
CA MET D 44 17.50 -32.66 -0.41
C MET D 44 18.05 -33.12 -1.76
N GLU D 45 19.38 -33.23 -1.85
CA GLU D 45 19.99 -33.67 -3.08
C GLU D 45 19.41 -35.05 -3.42
N GLU D 46 19.38 -35.92 -2.42
CA GLU D 46 18.86 -37.28 -2.57
C GLU D 46 17.40 -37.32 -3.05
N MET D 47 16.56 -36.49 -2.44
CA MET D 47 15.15 -36.44 -2.79
C MET D 47 14.94 -36.03 -4.23
N ILE D 48 15.89 -35.23 -4.75
CA ILE D 48 15.82 -34.76 -6.13
C ILE D 48 16.23 -35.88 -7.10
N PHE D 49 17.42 -36.44 -6.91
CA PHE D 49 17.89 -37.52 -7.76
C PHE D 49 16.99 -38.76 -7.69
N ASN D 50 16.40 -39.00 -6.52
CA ASN D 50 15.52 -40.15 -6.33
C ASN D 50 14.18 -39.93 -7.05
N LEU D 51 13.76 -38.67 -7.14
CA LEU D 51 12.53 -38.33 -7.84
C LEU D 51 12.86 -38.42 -9.34
N ALA D 52 14.01 -37.88 -9.71
CA ALA D 52 14.47 -37.88 -11.09
C ALA D 52 14.66 -39.29 -11.66
N ASP D 53 15.28 -40.17 -10.89
CA ASP D 53 15.50 -41.53 -11.36
C ASP D 53 14.21 -42.31 -11.40
N THR D 54 13.57 -42.39 -10.25
CA THR D 54 12.34 -43.13 -10.08
C THR D 54 11.21 -42.68 -11.01
N HIS D 55 10.92 -41.39 -11.05
CA HIS D 55 9.82 -40.93 -11.87
C HIS D 55 10.13 -40.18 -13.17
N LEU D 56 11.30 -39.59 -13.29
CA LEU D 56 11.56 -38.81 -14.49
C LEU D 56 12.53 -39.41 -15.51
N PHE D 57 12.66 -40.74 -15.49
CA PHE D 57 13.54 -41.46 -16.41
C PHE D 57 14.96 -40.90 -16.47
N PHE D 58 15.43 -40.35 -15.35
CA PHE D 58 16.76 -39.74 -15.35
C PHE D 58 17.94 -40.67 -15.69
N ASN D 59 17.76 -41.98 -15.58
CA ASN D 59 18.84 -42.91 -15.90
C ASN D 59 19.01 -43.08 -17.42
N ASP D 60 17.95 -42.78 -18.16
CA ASP D 60 17.96 -42.89 -19.62
C ASP D 60 18.21 -41.53 -20.24
N LEU D 61 17.94 -40.48 -19.47
CA LEU D 61 18.09 -39.12 -19.96
C LEU D 61 19.30 -38.34 -19.47
N GLU D 62 19.99 -38.85 -18.45
CA GLU D 62 21.15 -38.14 -17.90
C GLU D 62 22.15 -37.73 -18.99
N ASP D 63 22.00 -38.30 -20.18
CA ASP D 63 22.90 -38.02 -21.31
C ASP D 63 22.58 -36.72 -22.05
N CYS D 64 21.48 -36.74 -22.79
CA CYS D 64 21.05 -35.60 -23.59
C CYS D 64 20.92 -34.32 -22.75
N ASP D 65 21.24 -33.20 -23.40
CA ASP D 65 21.16 -31.89 -22.77
C ASP D 65 20.01 -31.09 -23.41
N GLN D 66 18.79 -31.60 -23.25
CA GLN D 66 17.59 -30.95 -23.78
C GLN D 66 17.40 -29.61 -23.07
N ILE D 67 16.96 -28.62 -23.84
CA ILE D 67 16.75 -27.27 -23.33
C ILE D 67 15.32 -27.00 -22.86
N HIS D 68 14.37 -27.45 -23.67
CA HIS D 68 12.96 -27.23 -23.39
C HIS D 68 12.20 -28.55 -23.54
N VAL D 69 11.19 -28.79 -22.72
CA VAL D 69 10.45 -30.05 -22.79
C VAL D 69 9.88 -30.44 -24.15
N ASP D 70 9.51 -29.45 -24.96
CA ASP D 70 8.91 -29.71 -26.26
C ASP D 70 9.89 -29.68 -27.44
N ASP D 71 11.18 -29.82 -27.19
CA ASP D 71 12.16 -29.76 -28.28
C ASP D 71 12.34 -31.01 -29.15
N VAL D 72 11.49 -32.02 -28.96
CA VAL D 72 11.54 -33.23 -29.77
C VAL D 72 10.12 -33.76 -29.93
N SER D 73 9.13 -32.88 -29.78
CA SER D 73 7.72 -33.27 -29.88
C SER D 73 7.28 -33.79 -31.25
N SER D 74 7.94 -33.34 -32.32
CA SER D 74 7.62 -33.76 -33.69
C SER D 74 7.92 -35.25 -33.90
N ASP D 75 8.70 -35.83 -32.99
CA ASP D 75 9.08 -37.23 -33.02
C ASP D 75 8.13 -38.05 -32.12
N ASP D 76 6.83 -37.79 -32.22
CA ASP D 76 5.86 -38.50 -31.40
C ASP D 76 4.74 -39.11 -32.24
N ASN D 77 3.62 -39.41 -31.59
CA ASN D 77 2.46 -40.00 -32.25
C ASN D 77 1.16 -39.48 -31.65
N GLY D 78 1.26 -38.65 -30.62
CA GLY D 78 0.07 -38.14 -29.97
C GLY D 78 -0.64 -39.28 -29.25
N GLN D 79 0.07 -40.40 -29.18
CA GLN D 79 -0.44 -41.61 -28.55
C GLN D 79 -0.68 -41.47 -27.05
N ASP D 80 -1.43 -42.40 -26.48
CA ASP D 80 -1.73 -42.41 -25.04
C ASP D 80 -0.68 -43.24 -24.30
N LEU D 81 0.17 -42.56 -23.53
CA LEU D 81 1.24 -43.22 -22.79
C LEU D 81 0.90 -43.68 -21.38
N SER D 82 -0.39 -43.68 -21.06
CA SER D 82 -0.84 -44.10 -19.73
C SER D 82 -0.74 -45.63 -19.67
N THR D 83 -0.73 -46.26 -20.85
CA THR D 83 -0.65 -47.71 -20.95
C THR D 83 0.53 -48.14 -21.83
N TYR D 84 1.69 -47.55 -21.58
CA TYR D 84 2.92 -47.84 -22.32
C TYR D 84 3.97 -48.27 -21.30
N ASN D 85 4.86 -49.17 -21.69
CA ASN D 85 5.88 -49.65 -20.78
C ASN D 85 7.27 -49.18 -21.19
N PHE D 86 7.74 -48.15 -20.49
CA PHE D 86 9.04 -47.57 -20.79
C PHE D 86 10.22 -48.45 -20.41
N SER D 87 10.09 -49.15 -19.29
CA SER D 87 11.15 -50.03 -18.82
C SER D 87 11.41 -51.20 -19.76
N ALA D 88 10.53 -51.40 -20.74
CA ALA D 88 10.68 -52.51 -21.67
C ALA D 88 10.69 -52.18 -23.17
N ASP D 89 11.32 -51.07 -23.57
CA ASP D 89 11.38 -50.76 -25.00
C ASP D 89 12.80 -50.58 -25.52
N GLY D 90 13.76 -51.13 -24.77
CA GLY D 90 15.16 -51.08 -25.15
C GLY D 90 15.81 -49.73 -25.40
N PHE D 91 15.26 -48.68 -24.78
CA PHE D 91 15.80 -47.33 -24.93
C PHE D 91 17.08 -47.17 -24.10
N HIS D 92 18.00 -46.34 -24.58
CA HIS D 92 19.26 -46.13 -23.89
C HIS D 92 19.99 -44.89 -24.43
N GLY D 108 14.15 -47.06 -36.98
CA GLY D 108 15.26 -47.48 -36.08
C GLY D 108 15.78 -46.33 -35.23
N GLY D 109 16.04 -45.21 -35.88
CA GLY D 109 16.52 -44.04 -35.18
C GLY D 109 15.29 -43.23 -34.84
N VAL D 110 14.23 -43.50 -35.60
CA VAL D 110 12.94 -42.84 -35.42
C VAL D 110 12.29 -43.44 -34.18
N ASP D 111 12.57 -44.71 -33.93
CA ASP D 111 12.01 -45.39 -32.77
C ASP D 111 12.67 -44.80 -31.53
N TRP D 112 13.93 -44.40 -31.68
CA TRP D 112 14.68 -43.80 -30.59
C TRP D 112 14.06 -42.42 -30.33
N MET D 113 13.94 -41.64 -31.40
CA MET D 113 13.36 -40.33 -31.30
C MET D 113 11.97 -40.38 -30.72
N ARG D 114 11.21 -41.43 -31.05
CA ARG D 114 9.86 -41.55 -30.50
C ARG D 114 9.92 -41.96 -29.03
N LYS D 115 10.81 -42.89 -28.70
CA LYS D 115 10.96 -43.34 -27.31
C LYS D 115 11.33 -42.15 -26.44
N LEU D 116 12.05 -41.20 -27.05
CA LEU D 116 12.49 -40.00 -26.36
C LEU D 116 11.33 -39.00 -26.20
N ALA D 117 10.65 -38.67 -27.29
CA ALA D 117 9.53 -37.74 -27.23
C ALA D 117 8.57 -38.25 -26.17
N PHE D 118 8.40 -39.57 -26.14
CA PHE D 118 7.53 -40.22 -25.17
C PHE D 118 8.04 -39.88 -23.77
N ARG D 119 9.34 -40.04 -23.57
CA ARG D 119 9.96 -39.77 -22.28
C ARG D 119 9.59 -38.37 -21.79
N TYR D 120 9.79 -37.36 -22.63
CA TYR D 120 9.49 -36.00 -22.25
C TYR D 120 8.00 -35.66 -22.16
N ARG D 121 7.18 -36.26 -23.01
CA ARG D 121 5.75 -35.99 -22.94
C ARG D 121 5.20 -36.55 -21.64
N ARG D 122 5.77 -37.67 -21.19
CA ARG D 122 5.34 -38.31 -19.96
C ARG D 122 5.74 -37.42 -18.77
N VAL D 123 6.99 -36.98 -18.79
CA VAL D 123 7.53 -36.12 -17.74
C VAL D 123 6.65 -34.87 -17.62
N LYS D 124 6.33 -34.28 -18.76
CA LYS D 124 5.50 -33.09 -18.83
C LYS D 124 4.14 -33.35 -18.17
N GLU D 125 3.54 -34.48 -18.53
CA GLU D 125 2.24 -34.86 -17.98
C GLU D 125 2.26 -35.02 -16.48
N MET D 126 3.36 -35.55 -15.95
CA MET D 126 3.49 -35.73 -14.51
C MET D 126 3.74 -34.43 -13.79
N TYR D 127 4.50 -33.54 -14.43
CA TYR D 127 4.79 -32.24 -13.84
C TYR D 127 3.50 -31.48 -13.57
N ASN D 128 2.56 -31.57 -14.50
CA ASN D 128 1.30 -30.87 -14.36
C ASN D 128 0.31 -31.50 -13.41
N THR D 129 0.28 -32.82 -13.37
CA THR D 129 -0.67 -33.48 -12.48
C THR D 129 -0.17 -33.41 -11.05
N TYR D 130 1.15 -33.39 -10.88
CA TYR D 130 1.74 -33.36 -9.55
C TYR D 130 2.51 -32.11 -9.14
N LYS D 131 2.36 -31.02 -9.87
CA LYS D 131 3.06 -29.80 -9.51
C LYS D 131 2.49 -29.26 -8.20
N ASN D 132 1.18 -29.41 -8.01
CA ASN D 132 0.51 -28.95 -6.79
C ASN D 132 0.08 -30.12 -5.93
N ASN D 133 0.72 -31.28 -6.12
CA ASN D 133 0.43 -32.48 -5.37
C ASN D 133 1.64 -33.41 -5.36
N VAL D 134 2.76 -32.88 -4.89
CA VAL D 134 4.02 -33.63 -4.85
C VAL D 134 3.99 -34.93 -4.06
N GLY D 135 3.27 -34.92 -2.94
CA GLY D 135 3.19 -36.14 -2.13
C GLY D 135 2.55 -37.28 -2.91
N GLY D 136 1.57 -36.96 -3.73
CA GLY D 136 0.92 -37.99 -4.51
C GLY D 136 1.90 -38.71 -5.41
N LEU D 137 2.84 -37.97 -5.97
CA LEU D 137 3.83 -38.54 -6.86
C LEU D 137 4.93 -39.34 -6.17
N ILE D 138 5.62 -38.72 -5.21
CA ILE D 138 6.71 -39.40 -4.52
C ILE D 138 6.34 -40.46 -3.49
N GLY D 139 5.09 -40.48 -3.04
CA GLY D 139 4.68 -41.48 -2.07
C GLY D 139 4.25 -40.90 -0.74
N THR D 140 3.80 -41.77 0.17
CA THR D 140 3.34 -41.36 1.49
C THR D 140 4.43 -41.19 2.54
N PRO D 141 5.35 -42.18 2.64
CA PRO D 141 6.41 -42.06 3.62
C PRO D 141 7.38 -40.94 3.25
N LYS D 142 7.71 -40.86 1.95
CA LYS D 142 8.64 -39.85 1.44
C LYS D 142 8.09 -38.44 1.53
N ARG D 143 6.76 -38.31 1.44
CA ARG D 143 6.14 -37.00 1.50
C ARG D 143 6.37 -36.36 2.86
N GLU D 144 6.19 -37.13 3.94
CA GLU D 144 6.38 -36.58 5.27
C GLU D 144 7.83 -36.21 5.52
N THR D 145 8.76 -37.04 5.04
CA THR D 145 10.17 -36.76 5.21
C THR D 145 10.48 -35.46 4.47
N TRP D 146 9.88 -35.33 3.30
CA TRP D 146 10.03 -34.17 2.42
C TRP D 146 9.57 -32.88 3.12
N LEU D 147 8.36 -32.93 3.70
CA LEU D 147 7.80 -31.78 4.40
C LEU D 147 8.67 -31.41 5.60
N GLN D 148 9.02 -32.42 6.39
CA GLN D 148 9.86 -32.21 7.56
C GLN D 148 11.20 -31.55 7.19
N LEU D 149 11.66 -31.81 5.97
CA LEU D 149 12.93 -31.25 5.48
C LEU D 149 12.76 -29.85 4.92
N ARG D 150 11.66 -29.63 4.19
CA ARG D 150 11.39 -28.34 3.61
C ARG D 150 11.22 -27.34 4.73
N ALA D 151 10.61 -27.81 5.83
CA ALA D 151 10.36 -27.00 7.00
C ALA D 151 11.64 -26.55 7.70
N GLU D 152 12.54 -27.51 7.97
CA GLU D 152 13.82 -27.21 8.61
C GLU D 152 14.59 -26.20 7.76
N LEU D 153 14.51 -26.38 6.45
CA LEU D 153 15.20 -25.50 5.50
C LEU D 153 14.69 -24.06 5.54
N GLU D 154 13.38 -23.87 5.61
CA GLU D 154 12.82 -22.53 5.67
C GLU D 154 13.29 -21.82 6.92
N ALA D 155 13.47 -22.59 7.97
CA ALA D 155 13.95 -22.07 9.24
C ALA D 155 15.41 -21.65 9.09
N LEU D 156 16.21 -22.54 8.51
CA LEU D 156 17.62 -22.28 8.31
C LEU D 156 17.90 -21.11 7.38
N THR D 157 17.12 -20.99 6.31
CA THR D 157 17.32 -19.92 5.33
C THR D 157 16.54 -18.66 5.61
N ASP D 158 15.86 -18.63 6.75
CA ASP D 158 15.05 -17.47 7.13
C ASP D 158 13.99 -17.08 6.12
N LEU D 159 13.19 -18.05 5.68
CA LEU D 159 12.10 -17.80 4.74
C LEU D 159 12.47 -17.33 3.34
N TRP D 160 13.63 -17.75 2.84
CA TRP D 160 14.09 -17.35 1.52
C TRP D 160 13.08 -17.72 0.44
N LEU D 161 12.75 -19.01 0.36
CA LEU D 161 11.81 -19.51 -0.64
C LEU D 161 10.47 -18.84 -0.50
N THR D 162 10.06 -18.62 0.74
CA THR D 162 8.79 -17.96 1.01
C THR D 162 8.83 -16.59 0.35
N HIS D 163 9.96 -15.91 0.49
CA HIS D 163 10.13 -14.59 -0.08
C HIS D 163 10.14 -14.57 -1.62
N SER D 164 10.89 -15.49 -2.22
CA SER D 164 10.95 -15.55 -3.68
C SER D 164 9.58 -15.95 -4.23
N LEU D 165 8.89 -16.86 -3.54
CA LEU D 165 7.57 -17.27 -3.97
C LEU D 165 6.57 -16.10 -3.95
N LYS D 166 6.73 -15.18 -3.01
CA LYS D 166 5.85 -14.01 -2.94
C LYS D 166 6.11 -13.21 -4.20
N ALA D 167 7.39 -12.99 -4.49
CA ALA D 167 7.80 -12.24 -5.68
C ALA D 167 7.28 -12.92 -6.95
N LEU D 168 7.40 -14.24 -7.00
CA LEU D 168 6.95 -15.02 -8.15
C LEU D 168 5.45 -14.94 -8.35
N ASN D 169 4.68 -15.20 -7.29
CA ASN D 169 3.23 -15.16 -7.38
C ASN D 169 2.67 -13.78 -7.67
N LEU D 170 3.49 -12.75 -7.44
CA LEU D 170 3.07 -11.39 -7.68
C LEU D 170 3.09 -11.14 -9.19
N ILE D 171 4.17 -11.56 -9.83
CA ILE D 171 4.34 -11.40 -11.27
C ILE D 171 3.34 -12.27 -12.00
N ASN D 172 3.03 -13.41 -11.40
CA ASN D 172 2.07 -14.34 -11.95
C ASN D 172 0.73 -13.61 -12.15
N SER D 173 0.13 -13.21 -11.03
CA SER D 173 -1.14 -12.50 -10.99
C SER D 173 -1.23 -11.24 -11.84
N ARG D 174 -0.08 -10.64 -12.15
CA ARG D 174 -0.06 -9.44 -12.99
C ARG D 174 -0.50 -9.86 -14.36
N PRO D 175 -1.51 -9.17 -14.91
CA PRO D 175 -2.07 -9.46 -16.23
C PRO D 175 -1.08 -9.74 -17.36
N ASN D 176 -0.14 -8.83 -17.60
CA ASN D 176 0.80 -9.02 -18.70
C ASN D 176 2.26 -9.19 -18.32
N CYS D 177 2.52 -10.03 -17.32
CA CYS D 177 3.87 -10.31 -16.89
C CYS D 177 3.96 -11.81 -16.71
N VAL D 178 5.12 -12.36 -17.02
CA VAL D 178 5.34 -13.80 -16.90
C VAL D 178 6.74 -14.11 -16.33
N ASN D 179 6.85 -15.25 -15.66
CA ASN D 179 8.09 -15.71 -15.07
C ASN D 179 8.64 -16.82 -15.94
N VAL D 180 9.93 -16.73 -16.25
CA VAL D 180 10.62 -17.74 -17.05
C VAL D 180 11.83 -18.15 -16.22
N LEU D 181 12.22 -19.41 -16.32
CA LEU D 181 13.38 -19.89 -15.55
C LEU D 181 14.48 -20.35 -16.46
N VAL D 182 15.70 -19.93 -16.17
CA VAL D 182 16.85 -20.35 -16.95
C VAL D 182 17.85 -20.86 -15.93
N THR D 183 18.14 -22.15 -16.00
CA THR D 183 19.06 -22.78 -15.06
C THR D 183 20.22 -23.49 -15.75
N THR D 184 21.31 -23.67 -15.02
CA THR D 184 22.51 -24.33 -15.53
C THR D 184 22.43 -25.83 -15.33
N THR D 185 21.42 -26.28 -14.59
CA THR D 185 21.19 -27.70 -14.33
C THR D 185 20.59 -28.28 -15.62
N GLN D 186 20.69 -29.59 -15.81
CA GLN D 186 20.08 -30.19 -16.98
C GLN D 186 18.58 -30.16 -16.77
N LEU D 187 17.82 -30.12 -17.85
CA LEU D 187 16.37 -30.05 -17.77
C LEU D 187 15.67 -31.01 -16.79
N ILE D 188 16.00 -32.29 -16.81
CA ILE D 188 15.34 -33.25 -15.92
C ILE D 188 15.62 -33.04 -14.43
N PRO D 189 16.89 -32.77 -14.07
CA PRO D 189 17.19 -32.55 -12.64
C PRO D 189 16.56 -31.22 -12.18
N ALA D 190 16.51 -30.23 -13.07
CA ALA D 190 15.94 -28.93 -12.76
C ALA D 190 14.44 -29.07 -12.49
N LEU D 191 13.75 -29.86 -13.30
CA LEU D 191 12.32 -30.08 -13.12
C LEU D 191 12.09 -30.75 -11.78
N ALA D 192 13.01 -31.65 -11.42
CA ALA D 192 12.92 -32.36 -10.15
C ALA D 192 12.93 -31.34 -9.00
N LYS D 193 13.91 -30.45 -9.02
CA LYS D 193 14.03 -29.40 -8.01
C LYS D 193 12.81 -28.49 -7.96
N VAL D 194 12.40 -27.97 -9.10
CA VAL D 194 11.23 -27.09 -9.19
C VAL D 194 10.03 -27.67 -8.42
N LEU D 195 9.72 -28.94 -8.65
CA LEU D 195 8.60 -29.57 -7.97
C LEU D 195 8.82 -29.64 -6.45
N LEU D 196 10.01 -30.12 -6.07
CA LEU D 196 10.39 -30.28 -4.68
C LEU D 196 10.57 -28.99 -3.88
N TYR D 197 10.62 -27.86 -4.57
CA TYR D 197 10.74 -26.57 -3.90
C TYR D 197 9.43 -25.80 -4.07
N GLY D 198 8.42 -26.50 -4.56
CA GLY D 198 7.10 -25.90 -4.74
C GLY D 198 7.01 -24.87 -5.85
N LEU D 199 7.93 -24.96 -6.81
CA LEU D 199 7.94 -24.02 -7.92
C LEU D 199 7.12 -24.50 -9.11
N GLY D 200 6.73 -25.77 -9.09
CA GLY D 200 5.94 -26.31 -10.18
C GLY D 200 4.70 -25.49 -10.45
N SER D 201 4.09 -24.97 -9.39
CA SER D 201 2.89 -24.17 -9.56
C SER D 201 3.18 -22.88 -10.32
N VAL D 202 4.03 -22.04 -9.73
CA VAL D 202 4.37 -20.74 -10.32
C VAL D 202 5.08 -20.79 -11.68
N PHE D 203 5.59 -21.96 -12.05
CA PHE D 203 6.29 -22.09 -13.33
C PHE D 203 5.67 -23.05 -14.29
N PRO D 204 5.18 -22.55 -15.44
CA PRO D 204 4.61 -23.52 -16.39
C PRO D 204 5.85 -24.23 -16.92
N ILE D 205 5.74 -25.54 -17.11
CA ILE D 205 6.85 -26.36 -17.59
C ILE D 205 7.49 -25.89 -18.92
N GLU D 206 6.75 -25.11 -19.70
CA GLU D 206 7.28 -24.61 -20.95
C GLU D 206 7.88 -23.22 -20.75
N ASN D 207 8.14 -22.86 -19.50
CA ASN D 207 8.73 -21.57 -19.17
C ASN D 207 10.02 -21.85 -18.43
N ILE D 208 10.56 -23.05 -18.67
CA ILE D 208 11.79 -23.50 -18.05
C ILE D 208 12.77 -23.93 -19.11
N TYR D 209 13.97 -23.35 -19.08
CA TYR D 209 14.99 -23.67 -20.06
C TYR D 209 16.32 -24.02 -19.38
N SER D 210 16.98 -25.07 -19.88
CA SER D 210 18.27 -25.47 -19.33
C SER D 210 19.38 -24.84 -20.16
N ALA D 211 20.36 -24.23 -19.51
CA ALA D 211 21.45 -23.57 -20.21
C ALA D 211 22.71 -24.44 -20.26
N THR D 212 22.53 -25.75 -20.11
CA THR D 212 23.65 -26.70 -20.15
C THR D 212 24.22 -26.87 -21.57
N LYS D 213 23.35 -26.84 -22.55
CA LYS D 213 23.73 -27.02 -23.95
C LYS D 213 24.30 -25.81 -24.68
N THR D 214 23.74 -24.63 -24.43
CA THR D 214 24.18 -23.43 -25.14
C THR D 214 24.52 -22.20 -24.32
N GLY D 215 24.32 -22.24 -23.00
CA GLY D 215 24.63 -21.06 -22.20
C GLY D 215 23.43 -20.18 -21.89
N LYS D 216 23.53 -19.39 -20.83
CA LYS D 216 22.43 -18.52 -20.43
C LYS D 216 22.17 -17.41 -21.42
N GLU D 217 23.21 -16.93 -22.09
CA GLU D 217 23.03 -15.87 -23.08
C GLU D 217 22.29 -16.42 -24.30
N SER D 218 22.59 -17.67 -24.65
CA SER D 218 21.94 -18.34 -25.77
C SER D 218 20.45 -18.47 -25.44
N CYS D 219 20.15 -18.94 -24.24
CA CYS D 219 18.78 -19.11 -23.80
C CYS D 219 18.02 -17.79 -23.72
N PHE D 220 18.70 -16.73 -23.26
CA PHE D 220 18.09 -15.41 -23.16
C PHE D 220 17.59 -15.00 -24.54
N GLU D 221 18.40 -15.31 -25.56
CA GLU D 221 18.05 -14.98 -26.93
C GLU D 221 16.86 -15.79 -27.43
N ARG D 222 16.84 -17.08 -27.10
CA ARG D 222 15.73 -17.90 -27.52
C ARG D 222 14.43 -17.34 -26.96
N ILE D 223 14.50 -16.93 -25.70
CA ILE D 223 13.34 -16.37 -25.00
C ILE D 223 12.88 -15.04 -25.61
N MET D 224 13.82 -14.22 -26.06
CA MET D 224 13.47 -12.94 -26.68
C MET D 224 12.73 -13.18 -27.99
N GLN D 225 13.09 -14.25 -28.68
CA GLN D 225 12.43 -14.58 -29.94
C GLN D 225 11.04 -15.14 -29.66
N ARG D 226 10.87 -15.78 -28.51
CA ARG D 226 9.58 -16.35 -28.14
C ARG D 226 8.52 -15.32 -27.71
N PHE D 227 8.95 -14.20 -27.11
CA PHE D 227 8.00 -13.20 -26.67
C PHE D 227 7.96 -11.92 -27.50
N GLY D 228 8.99 -11.70 -28.33
CA GLY D 228 8.99 -10.53 -29.18
C GLY D 228 9.78 -9.32 -28.71
N ARG D 229 10.06 -8.42 -29.65
CA ARG D 229 10.81 -7.20 -29.40
C ARG D 229 10.03 -6.15 -28.61
N LYS D 230 8.73 -6.36 -28.46
CA LYS D 230 7.91 -5.41 -27.74
C LYS D 230 8.03 -5.52 -26.23
N ALA D 231 8.07 -6.74 -25.71
CA ALA D 231 8.19 -6.96 -24.27
C ALA D 231 9.55 -6.52 -23.75
N VAL D 232 9.63 -6.23 -22.46
CA VAL D 232 10.89 -5.85 -21.87
C VAL D 232 11.28 -7.03 -20.99
N TYR D 233 12.54 -7.46 -21.07
CA TYR D 233 13.03 -8.60 -20.31
C TYR D 233 13.85 -8.22 -19.08
N VAL D 234 13.41 -8.69 -17.92
CA VAL D 234 14.11 -8.41 -16.68
C VAL D 234 14.85 -9.64 -16.20
N VAL D 235 16.18 -9.58 -16.29
CA VAL D 235 17.02 -10.70 -15.85
C VAL D 235 17.29 -10.53 -14.34
N ILE D 236 17.08 -11.61 -13.61
CA ILE D 236 17.28 -11.63 -12.15
C ILE D 236 18.21 -12.76 -11.77
N GLY D 237 19.40 -12.43 -11.28
CA GLY D 237 20.33 -13.48 -10.93
C GLY D 237 21.41 -12.99 -10.00
N ASP D 238 22.09 -13.95 -9.39
CA ASP D 238 23.17 -13.68 -8.45
C ASP D 238 24.54 -13.75 -9.11
N GLY D 239 24.63 -14.50 -10.21
CA GLY D 239 25.88 -14.69 -10.92
C GLY D 239 26.21 -13.80 -12.12
N VAL D 240 27.37 -14.06 -12.72
CA VAL D 240 27.87 -13.28 -13.86
C VAL D 240 27.43 -13.69 -15.26
N GLU D 241 27.09 -14.96 -15.48
CA GLU D 241 26.66 -15.34 -16.82
C GLU D 241 25.37 -14.57 -17.05
N GLU D 242 24.54 -14.48 -16.01
CA GLU D 242 23.29 -13.75 -16.07
C GLU D 242 23.59 -12.28 -16.34
N GLU D 243 24.56 -11.75 -15.61
CA GLU D 243 24.98 -10.36 -15.72
C GLU D 243 25.41 -9.94 -17.11
N GLN D 244 26.49 -10.54 -17.59
CA GLN D 244 27.03 -10.22 -18.90
C GLN D 244 26.06 -10.54 -20.04
N GLY D 245 25.25 -11.57 -19.83
CA GLY D 245 24.26 -11.99 -20.82
C GLY D 245 23.13 -10.99 -21.02
N ALA D 246 22.67 -10.37 -19.93
CA ALA D 246 21.60 -9.39 -19.99
C ALA D 246 22.18 -8.09 -20.54
N LYS D 247 23.44 -7.83 -20.20
CA LYS D 247 24.13 -6.63 -20.65
C LYS D 247 24.39 -6.62 -22.14
N LYS D 248 24.72 -7.78 -22.70
CA LYS D 248 24.99 -7.86 -24.12
C LYS D 248 23.71 -7.55 -24.91
N HIS D 249 22.55 -7.87 -24.34
CA HIS D 249 21.27 -7.61 -25.02
C HIS D 249 20.51 -6.43 -24.48
N ASN D 250 21.18 -5.60 -23.68
CA ASN D 250 20.55 -4.42 -23.10
C ASN D 250 19.30 -4.74 -22.28
N MET D 251 19.29 -5.92 -21.66
CA MET D 251 18.16 -6.31 -20.84
C MET D 251 18.43 -5.83 -19.42
N PRO D 252 17.42 -5.23 -18.76
CA PRO D 252 17.67 -4.77 -17.39
C PRO D 252 18.03 -5.95 -16.47
N PHE D 253 19.00 -5.73 -15.59
CA PHE D 253 19.46 -6.78 -14.69
C PHE D 253 19.37 -6.38 -13.21
N TRP D 254 18.88 -7.30 -12.39
CA TRP D 254 18.77 -7.11 -10.96
C TRP D 254 19.73 -8.08 -10.26
N ARG D 255 20.81 -7.55 -9.67
CA ARG D 255 21.75 -8.42 -8.99
C ARG D 255 21.29 -8.82 -7.58
N ILE D 256 21.22 -10.13 -7.34
CA ILE D 256 20.79 -10.65 -6.06
C ILE D 256 21.95 -11.37 -5.40
N SER D 257 22.76 -10.60 -4.68
CA SER D 257 23.94 -11.12 -3.99
C SER D 257 23.59 -11.68 -2.61
N CYS D 258 22.43 -11.33 -2.11
CA CYS D 258 22.03 -11.81 -0.80
C CYS D 258 20.54 -11.74 -0.56
N HIS D 259 20.14 -12.21 0.61
CA HIS D 259 18.75 -12.22 1.01
C HIS D 259 18.12 -10.83 0.98
N ALA D 260 18.86 -9.83 1.42
CA ALA D 260 18.35 -8.46 1.46
C ALA D 260 17.96 -7.97 0.08
N ASP D 261 18.75 -8.34 -0.93
CA ASP D 261 18.49 -7.95 -2.32
C ASP D 261 17.22 -8.62 -2.85
N LEU D 262 16.95 -9.83 -2.37
CA LEU D 262 15.76 -10.54 -2.77
C LEU D 262 14.54 -9.80 -2.19
N GLU D 263 14.64 -9.39 -0.93
CA GLU D 263 13.56 -8.67 -0.27
C GLU D 263 13.41 -7.28 -0.84
N ALA D 264 14.51 -6.70 -1.27
CA ALA D 264 14.48 -5.37 -1.89
C ALA D 264 13.71 -5.52 -3.20
N LEU D 265 13.98 -6.61 -3.91
CA LEU D 265 13.31 -6.90 -5.18
C LEU D 265 11.82 -7.13 -4.99
N ARG D 266 11.46 -8.01 -4.06
CA ARG D 266 10.06 -8.31 -3.79
C ARG D 266 9.31 -7.01 -3.52
N HIS D 267 9.97 -6.10 -2.82
CA HIS D 267 9.36 -4.81 -2.48
C HIS D 267 9.24 -3.92 -3.72
N ALA D 268 10.19 -4.05 -4.65
CA ALA D 268 10.14 -3.25 -5.87
C ALA D 268 8.94 -3.70 -6.69
N LEU D 269 8.67 -5.00 -6.65
CA LEU D 269 7.53 -5.57 -7.37
C LEU D 269 6.21 -5.16 -6.70
N GLU D 270 6.22 -5.08 -5.37
CA GLU D 270 5.04 -4.66 -4.61
C GLU D 270 4.59 -3.29 -5.12
N LEU D 271 5.50 -2.33 -5.12
CA LEU D 271 5.20 -0.97 -5.54
C LEU D 271 5.10 -0.77 -7.05
N GLU D 272 5.23 -1.84 -7.82
CA GLU D 272 5.15 -1.74 -9.27
C GLU D 272 6.35 -0.99 -9.82
N TYR D 273 7.29 -0.63 -8.94
CA TYR D 273 8.50 0.07 -9.35
C TYR D 273 9.12 -0.81 -10.42
N LEU D 274 8.92 -2.12 -10.27
CA LEU D 274 9.44 -3.10 -11.21
C LEU D 274 8.31 -4.04 -11.65
MG MG E . 5.68 17.23 1.03
MG MG F . -15.90 17.66 20.83
MG MG G . -4.28 -17.34 1.66
MG MG H . 23.04 -19.03 -9.82
#